data_6QAT
#
_entry.id   6QAT
#
_cell.length_a   75.208
_cell.length_b   77.561
_cell.length_c   94.941
_cell.angle_alpha   90.00
_cell.angle_beta   97.77
_cell.angle_gamma   90.00
#
_symmetry.space_group_name_H-M   'P 1 21 1'
#
loop_
_entity.id
_entity.type
_entity.pdbx_description
1 polymer 'Serine/threonine-protein kinase ULK2'
2 non-polymer N-{(3Z)-2-oxo-3-[phenyl({4-[(piperidin-1-yl)methyl]phenyl}amino)methylidene]-2,3-dihydro-1H-indol-5-yl}ethanesulfonamide
3 water water
#
_entity_poly.entity_id   1
_entity_poly.type   'polypeptide(L)'
_entity_poly.pdbx_seq_one_letter_code
;GGGSMEVVGDFEYSKRDLVGHGAFAVVFRGRHRQKTDWEVAIKSINKKNLSKSQILLGKEIKILKELQHENIVALYDVQE
LPNSVFLVMEYCNGGDLADYLQAKGTLSEDTIRVFLHQIAAAMRILHSKGIIHRDLKPQNILLSYANRRKSSVSGIRIKI
ADFGFARYLHSNMMAADLCGSPMYMAPEVIMSQHYDAKADLWSIGTVIYQCLVGKPPFQANSPQDLRMFYEKNRSLMPSI
PRETSPYLANLLLGLLQRNQKDRMDFEAFFSHPFLEQGPV
;
_entity_poly.pdbx_strand_id   A,B,C,D
#
# COMPACT_ATOMS: atom_id res chain seq x y z
N MET A 5 26.10 -32.30 -13.55
CA MET A 5 25.83 -31.79 -12.22
C MET A 5 27.11 -31.15 -11.65
N GLU A 6 26.97 -30.08 -10.87
CA GLU A 6 28.07 -29.39 -10.18
C GLU A 6 28.51 -30.25 -8.99
N VAL A 7 29.79 -30.22 -8.67
CA VAL A 7 30.40 -31.06 -7.63
C VAL A 7 30.83 -30.14 -6.49
N VAL A 8 30.54 -30.56 -5.26
CA VAL A 8 30.96 -29.90 -4.02
C VAL A 8 31.47 -30.99 -3.07
N GLY A 9 32.81 -31.07 -2.86
CA GLY A 9 33.47 -32.22 -2.23
C GLY A 9 32.86 -33.53 -2.75
N ASP A 10 32.30 -34.35 -1.84
CA ASP A 10 31.78 -35.70 -2.18
C ASP A 10 30.29 -35.60 -2.55
N PHE A 11 29.76 -34.39 -2.71
CA PHE A 11 28.33 -34.13 -3.01
C PHE A 11 28.19 -33.47 -4.38
N GLU A 12 26.99 -33.44 -4.90
CA GLU A 12 26.68 -32.91 -6.22
C GLU A 12 25.22 -32.42 -6.26
N TYR A 13 24.93 -31.48 -7.15
CA TYR A 13 23.59 -30.90 -7.37
C TYR A 13 23.47 -30.44 -8.82
N SER A 14 22.25 -30.48 -9.34
CA SER A 14 21.81 -29.76 -10.56
C SER A 14 21.44 -28.33 -10.20
N LYS A 15 21.82 -27.38 -11.03
CA LYS A 15 21.38 -25.96 -10.93
C LYS A 15 19.87 -25.88 -11.19
N ARG A 16 19.30 -26.94 -11.77
CA ARG A 16 17.83 -27.08 -12.00
C ARG A 16 17.08 -27.11 -10.66
N ASP A 17 17.75 -27.51 -9.58
CA ASP A 17 17.11 -27.93 -8.31
C ASP A 17 17.38 -26.88 -7.21
N LEU A 18 17.40 -25.60 -7.60
CA LEU A 18 17.27 -24.42 -6.71
C LEU A 18 15.99 -24.54 -5.87
N VAL A 19 16.11 -24.41 -4.55
CA VAL A 19 14.96 -24.63 -3.59
C VAL A 19 14.71 -23.35 -2.77
N GLY A 20 15.67 -22.44 -2.72
CA GLY A 20 15.41 -21.05 -2.31
C GLY A 20 16.67 -20.22 -2.25
N HIS A 21 16.54 -19.02 -1.68
CA HIS A 21 17.63 -18.10 -1.32
C HIS A 21 17.78 -18.03 0.22
N GLY A 22 18.99 -17.74 0.68
CA GLY A 22 19.24 -17.10 1.98
C GLY A 22 19.95 -15.77 1.80
N ALA A 23 20.68 -15.32 2.82
CA ALA A 23 21.44 -14.05 2.82
C ALA A 23 22.69 -14.23 1.95
N PHE A 24 22.77 -13.52 0.83
CA PHE A 24 23.90 -13.56 -0.13
C PHE A 24 24.10 -15.00 -0.61
N ALA A 25 23.08 -15.85 -0.40
CA ALA A 25 23.14 -17.31 -0.53
C ALA A 25 22.08 -17.81 -1.51
N VAL A 26 22.35 -18.94 -2.12
CA VAL A 26 21.40 -19.74 -2.95
C VAL A 26 21.47 -21.18 -2.47
N VAL A 27 20.33 -21.86 -2.37
CA VAL A 27 20.23 -23.23 -1.82
C VAL A 27 19.73 -24.16 -2.93
N PHE A 28 20.44 -25.25 -3.17
CA PHE A 28 20.07 -26.33 -4.12
C PHE A 28 19.81 -27.61 -3.33
N ARG A 29 18.85 -28.43 -3.77
CA ARG A 29 18.76 -29.86 -3.40
C ARG A 29 19.87 -30.60 -4.12
N GLY A 30 20.52 -31.50 -3.42
CA GLY A 30 21.69 -32.25 -3.91
C GLY A 30 21.65 -33.67 -3.39
N ARG A 31 22.81 -34.33 -3.37
CA ARG A 31 22.97 -35.73 -2.93
C ARG A 31 24.46 -36.04 -2.83
N HIS A 32 24.83 -37.04 -2.03
CA HIS A 32 26.17 -37.66 -2.03
C HIS A 32 26.38 -38.36 -3.35
N ARG A 33 27.60 -38.33 -3.86
CA ARG A 33 27.94 -38.83 -5.21
C ARG A 33 27.93 -40.36 -5.21
N GLN A 34 28.24 -41.02 -4.08
CA GLN A 34 28.16 -42.51 -3.92
C GLN A 34 26.81 -42.90 -3.31
N LYS A 35 26.47 -42.35 -2.14
CA LYS A 35 25.20 -42.62 -1.41
C LYS A 35 24.13 -41.67 -1.93
N THR A 36 23.59 -41.94 -3.11
CA THR A 36 22.79 -40.99 -3.92
C THR A 36 21.37 -40.89 -3.37
N ASP A 37 20.97 -41.85 -2.52
CA ASP A 37 19.68 -41.83 -1.77
C ASP A 37 19.81 -40.87 -0.56
N TRP A 38 21.00 -40.35 -0.31
CA TRP A 38 21.29 -39.34 0.73
C TRP A 38 21.13 -37.93 0.14
N GLU A 39 19.95 -37.31 0.32
CA GLU A 39 19.65 -35.93 -0.14
C GLU A 39 20.32 -34.93 0.80
N VAL A 40 20.79 -33.81 0.27
CA VAL A 40 21.39 -32.70 1.05
C VAL A 40 20.93 -31.36 0.49
N ALA A 41 21.00 -30.31 1.31
CA ALA A 41 20.86 -28.91 0.90
C ALA A 41 22.24 -28.30 0.75
N ILE A 42 22.52 -27.69 -0.37
CA ILE A 42 23.83 -27.08 -0.69
C ILE A 42 23.63 -25.57 -0.77
N LYS A 43 24.17 -24.85 0.20
CA LYS A 43 24.02 -23.41 0.37
C LYS A 43 25.24 -22.73 -0.21
N SER A 44 25.13 -22.17 -1.42
CA SER A 44 26.20 -21.39 -2.09
C SER A 44 26.19 -19.95 -1.58
N ILE A 45 27.34 -19.43 -1.15
CA ILE A 45 27.52 -18.07 -0.61
C ILE A 45 28.62 -17.38 -1.39
N ASN A 46 28.32 -16.28 -2.03
CA ASN A 46 29.29 -15.47 -2.79
C ASN A 46 30.24 -14.80 -1.78
N LYS A 47 31.55 -15.01 -1.94
CA LYS A 47 32.60 -14.56 -0.98
C LYS A 47 32.69 -13.04 -1.01
N LYS A 48 32.75 -12.44 -2.20
CA LYS A 48 32.85 -10.96 -2.38
C LYS A 48 31.66 -10.29 -1.69
N ASN A 49 30.46 -10.85 -1.88
CA ASN A 49 29.20 -10.37 -1.24
C ASN A 49 29.35 -10.46 0.27
N LEU A 50 29.74 -11.63 0.78
CA LEU A 50 29.96 -11.90 2.21
C LEU A 50 30.95 -10.88 2.79
N SER A 51 32.08 -10.66 2.11
CA SER A 51 33.22 -9.85 2.60
C SER A 51 32.79 -8.39 2.76
N LYS A 52 31.70 -7.98 2.09
CA LYS A 52 31.16 -6.60 2.13
C LYS A 52 30.00 -6.54 3.13
N SER A 53 29.57 -7.68 3.64
CA SER A 53 28.52 -7.82 4.68
C SER A 53 29.17 -7.89 6.08
N GLN A 54 28.34 -8.00 7.11
CA GLN A 54 28.75 -8.15 8.53
C GLN A 54 28.39 -9.56 9.02
N ILE A 55 28.03 -10.44 8.09
CA ILE A 55 27.78 -11.88 8.35
C ILE A 55 29.09 -12.53 8.82
N LEU A 56 29.06 -13.22 9.94
CA LEU A 56 30.17 -14.02 10.47
C LEU A 56 29.91 -15.49 10.17
N LEU A 57 30.26 -15.94 8.98
CA LEU A 57 30.01 -17.31 8.49
C LEU A 57 30.79 -18.31 9.34
N GLY A 58 32.04 -17.98 9.64
CA GLY A 58 32.90 -18.77 10.53
C GLY A 58 32.20 -19.10 11.82
N LYS A 59 31.53 -18.11 12.44
CA LYS A 59 30.79 -18.29 13.71
C LYS A 59 29.67 -19.30 13.48
N GLU A 60 28.91 -19.15 12.41
CA GLU A 60 27.75 -20.01 12.12
C GLU A 60 28.25 -21.46 11.93
N ILE A 61 29.36 -21.65 11.26
CA ILE A 61 29.99 -22.98 11.03
C ILE A 61 30.45 -23.54 12.39
N LYS A 62 31.07 -22.70 13.21
CA LYS A 62 31.55 -23.07 14.56
C LYS A 62 30.37 -23.61 15.38
N ILE A 63 29.23 -22.91 15.35
CA ILE A 63 28.04 -23.25 16.17
C ILE A 63 27.39 -24.51 15.61
N LEU A 64 27.18 -24.56 14.30
CA LEU A 64 26.56 -25.73 13.63
C LEU A 64 27.38 -27.01 13.92
N LYS A 65 28.71 -26.90 13.92
CA LYS A 65 29.66 -28.04 14.16
C LYS A 65 29.46 -28.55 15.57
N GLU A 66 29.23 -27.64 16.51
CA GLU A 66 29.13 -27.92 17.96
C GLU A 66 27.76 -28.60 18.27
N LEU A 67 26.74 -28.32 17.47
CA LEU A 67 25.36 -28.84 17.65
C LEU A 67 25.16 -30.06 16.76
N GLN A 68 24.98 -31.22 17.36
CA GLN A 68 24.57 -32.48 16.67
C GLN A 68 23.28 -32.98 17.32
N HIS A 69 22.19 -32.31 17.05
CA HIS A 69 20.83 -32.69 17.48
C HIS A 69 19.94 -32.89 16.26
N GLU A 70 18.92 -33.74 16.38
CA GLU A 70 18.01 -34.15 15.28
C GLU A 70 16.94 -33.07 15.06
N ASN A 71 16.96 -32.01 15.84
CA ASN A 71 16.03 -30.85 15.70
C ASN A 71 16.86 -29.57 15.48
N ILE A 72 18.13 -29.74 15.15
CA ILE A 72 19.01 -28.64 14.66
C ILE A 72 19.63 -29.07 13.32
N VAL A 73 19.56 -28.21 12.32
CA VAL A 73 19.87 -28.53 10.92
C VAL A 73 21.35 -28.96 10.85
N ALA A 74 21.60 -30.16 10.31
CA ALA A 74 22.92 -30.81 10.26
C ALA A 74 23.81 -30.12 9.20
N LEU A 75 25.03 -29.75 9.56
CA LEU A 75 26.12 -29.34 8.65
C LEU A 75 27.04 -30.53 8.44
N TYR A 76 27.23 -30.95 7.19
CA TYR A 76 27.98 -32.17 6.84
C TYR A 76 29.38 -31.78 6.34
N ASP A 77 29.51 -30.67 5.64
CA ASP A 77 30.75 -30.31 4.92
C ASP A 77 30.74 -28.81 4.62
N VAL A 78 31.93 -28.22 4.58
CA VAL A 78 32.19 -26.86 4.05
C VAL A 78 33.25 -26.96 2.94
N GLN A 79 32.94 -26.44 1.74
CA GLN A 79 33.88 -26.35 0.62
C GLN A 79 34.06 -24.89 0.23
N GLU A 80 35.29 -24.48 -0.03
CA GLU A 80 35.67 -23.10 -0.39
C GLU A 80 36.26 -23.10 -1.81
N LEU A 81 35.46 -22.73 -2.81
CA LEU A 81 35.92 -22.38 -4.18
C LEU A 81 36.45 -20.94 -4.17
N PRO A 82 37.04 -20.44 -5.29
CA PRO A 82 37.61 -19.09 -5.31
C PRO A 82 36.55 -18.00 -5.14
N ASN A 83 35.37 -18.21 -5.74
CA ASN A 83 34.28 -17.19 -5.85
C ASN A 83 33.19 -17.43 -4.78
N SER A 84 33.08 -18.66 -4.25
CA SER A 84 31.93 -19.11 -3.41
C SER A 84 32.41 -20.01 -2.27
N VAL A 85 31.74 -19.93 -1.12
CA VAL A 85 31.77 -20.95 -0.04
C VAL A 85 30.46 -21.73 -0.12
N PHE A 86 30.54 -23.05 0.00
CA PHE A 86 29.39 -23.99 -0.02
C PHE A 86 29.25 -24.62 1.36
N LEU A 87 28.02 -24.68 1.86
CA LEU A 87 27.66 -25.44 3.07
C LEU A 87 26.78 -26.59 2.67
N VAL A 88 27.23 -27.81 2.90
CA VAL A 88 26.43 -29.04 2.66
C VAL A 88 25.72 -29.41 3.94
N MET A 89 24.39 -29.50 3.89
CA MET A 89 23.52 -29.48 5.07
C MET A 89 22.34 -30.41 4.87
N GLU A 90 21.73 -30.82 5.97
CA GLU A 90 20.48 -31.60 6.02
C GLU A 90 19.48 -31.01 5.02
N TYR A 91 18.90 -31.84 4.19
CA TYR A 91 17.75 -31.48 3.34
C TYR A 91 16.46 -31.59 4.15
N CYS A 92 15.69 -30.52 4.15
CA CYS A 92 14.40 -30.40 4.80
C CYS A 92 13.34 -30.18 3.74
N ASN A 93 12.65 -31.25 3.35
CA ASN A 93 11.81 -31.31 2.13
C ASN A 93 10.51 -30.52 2.35
N GLY A 94 10.39 -29.81 3.45
CA GLY A 94 9.13 -29.20 3.91
C GLY A 94 9.13 -27.69 3.77
N GLY A 95 10.29 -27.11 3.45
CA GLY A 95 10.49 -25.67 3.48
C GLY A 95 10.50 -25.16 4.90
N ASP A 96 10.16 -23.88 5.09
CA ASP A 96 10.12 -23.22 6.41
C ASP A 96 8.68 -23.16 6.92
N LEU A 97 8.52 -22.87 8.20
CA LEU A 97 7.22 -22.70 8.90
C LEU A 97 6.42 -21.59 8.23
N ALA A 98 7.08 -20.54 7.76
CA ALA A 98 6.47 -19.38 7.06
C ALA A 98 5.58 -19.89 5.92
N ASP A 99 6.12 -20.74 5.05
CA ASP A 99 5.40 -21.36 3.91
C ASP A 99 4.21 -22.17 4.44
N TYR A 100 4.45 -22.94 5.51
CA TYR A 100 3.48 -23.92 6.06
C TYR A 100 2.29 -23.17 6.69
N LEU A 101 2.56 -22.03 7.33
CA LEU A 101 1.53 -21.15 7.97
C LEU A 101 0.73 -20.43 6.88
N GLN A 102 1.41 -19.95 5.84
CA GLN A 102 0.78 -19.24 4.70
C GLN A 102 -0.17 -20.19 3.97
N ALA A 103 0.08 -21.50 4.10
CA ALA A 103 -0.71 -22.59 3.46
C ALA A 103 -1.84 -23.03 4.40
N LYS A 104 -1.50 -23.48 5.62
CA LYS A 104 -2.42 -24.13 6.57
C LYS A 104 -3.25 -23.06 7.30
N GLY A 105 -2.71 -21.83 7.43
CA GLY A 105 -3.40 -20.68 8.06
C GLY A 105 -3.08 -20.57 9.54
N THR A 106 -3.93 -21.14 10.39
CA THR A 106 -3.66 -21.43 11.81
C THR A 106 -3.49 -22.95 12.01
N LEU A 107 -2.97 -23.36 13.17
CA LEU A 107 -2.67 -24.77 13.52
C LEU A 107 -3.47 -25.19 14.76
N SER A 108 -3.82 -26.48 14.87
CA SER A 108 -4.45 -27.09 16.07
C SER A 108 -3.47 -27.07 17.24
N GLU A 109 -3.97 -27.09 18.47
CA GLU A 109 -3.17 -27.17 19.70
C GLU A 109 -2.36 -28.47 19.71
N ASP A 110 -2.93 -29.56 19.15
CA ASP A 110 -2.26 -30.88 19.01
C ASP A 110 -1.04 -30.72 18.10
N THR A 111 -1.21 -30.04 16.96
CA THR A 111 -0.14 -29.73 15.97
C THR A 111 0.93 -28.86 16.64
N ILE A 112 0.53 -27.77 17.31
CA ILE A 112 1.45 -26.77 17.92
C ILE A 112 2.28 -27.45 19.00
N ARG A 113 1.70 -28.43 19.70
CA ARG A 113 2.38 -29.23 20.78
C ARG A 113 3.49 -30.08 20.16
N VAL A 114 3.16 -30.80 19.08
CA VAL A 114 4.09 -31.70 18.35
C VAL A 114 5.31 -30.89 17.89
N PHE A 115 5.08 -29.67 17.40
CA PHE A 115 6.11 -28.74 16.86
C PHE A 115 6.95 -28.21 18.01
N LEU A 116 6.28 -27.77 19.07
CA LEU A 116 6.92 -27.07 20.22
C LEU A 116 7.77 -28.05 21.02
N HIS A 117 7.32 -29.30 21.17
CA HIS A 117 8.11 -30.42 21.73
C HIS A 117 9.49 -30.44 21.08
N GLN A 118 9.52 -30.36 19.75
CA GLN A 118 10.75 -30.51 18.94
C GLN A 118 11.59 -29.23 19.05
N ILE A 119 10.96 -28.06 19.07
CA ILE A 119 11.65 -26.75 19.24
C ILE A 119 12.27 -26.71 20.63
N ALA A 120 11.53 -27.18 21.64
CA ALA A 120 12.00 -27.31 23.04
C ALA A 120 13.25 -28.21 23.09
N ALA A 121 13.17 -29.36 22.41
CA ALA A 121 14.27 -30.35 22.32
C ALA A 121 15.57 -29.63 21.89
N ALA A 122 15.47 -28.79 20.87
CA ALA A 122 16.60 -28.02 20.30
C ALA A 122 17.04 -26.95 21.28
N MET A 123 16.08 -26.28 21.93
CA MET A 123 16.32 -25.18 22.89
C MET A 123 17.16 -25.70 24.07
N ARG A 124 16.87 -26.93 24.53
CA ARG A 124 17.68 -27.66 25.55
C ARG A 124 19.15 -27.54 25.18
N ILE A 125 19.48 -27.92 23.94
CA ILE A 125 20.88 -28.13 23.48
C ILE A 125 21.55 -26.75 23.41
N LEU A 126 20.84 -25.73 22.92
CA LEU A 126 21.36 -24.34 22.84
C LEU A 126 21.64 -23.82 24.25
N HIS A 127 20.68 -23.94 25.14
CA HIS A 127 20.75 -23.46 26.54
C HIS A 127 21.95 -24.11 27.24
N SER A 128 22.13 -25.41 27.03
CA SER A 128 23.11 -26.24 27.76
C SER A 128 24.53 -26.02 27.20
N LYS A 129 24.65 -25.49 25.98
CA LYS A 129 25.94 -25.05 25.37
C LYS A 129 26.10 -23.53 25.50
N GLY A 130 25.12 -22.85 26.11
CA GLY A 130 25.13 -21.39 26.33
C GLY A 130 25.10 -20.63 25.02
N ILE A 131 24.38 -21.15 24.01
CA ILE A 131 24.12 -20.47 22.70
C ILE A 131 22.73 -19.84 22.73
N ILE A 132 22.64 -18.56 22.39
CA ILE A 132 21.35 -17.85 22.12
C ILE A 132 21.22 -17.67 20.60
N HIS A 133 20.12 -18.13 20.02
CA HIS A 133 19.81 -18.02 18.58
C HIS A 133 19.54 -16.55 18.22
N ARG A 134 18.49 -15.95 18.84
CA ARG A 134 18.23 -14.49 18.89
C ARG A 134 17.38 -14.05 17.69
N ASP A 135 17.28 -14.86 16.68
CA ASP A 135 16.58 -14.55 15.41
C ASP A 135 15.70 -15.74 15.02
N LEU A 136 15.24 -16.51 16.01
CA LEU A 136 14.14 -17.50 15.84
C LEU A 136 12.94 -16.81 15.21
N LYS A 137 12.36 -17.44 14.20
CA LYS A 137 11.18 -16.96 13.47
C LYS A 137 10.76 -18.04 12.50
N PRO A 138 9.57 -17.93 11.87
CA PRO A 138 9.09 -19.00 11.00
C PRO A 138 9.98 -19.25 9.77
N GLN A 139 10.74 -18.24 9.33
CA GLN A 139 11.65 -18.32 8.15
C GLN A 139 12.87 -19.20 8.49
N ASN A 140 13.12 -19.46 9.77
CA ASN A 140 14.34 -20.11 10.34
C ASN A 140 14.03 -21.53 10.75
N ILE A 141 12.75 -21.86 10.81
CA ILE A 141 12.26 -23.15 11.39
C ILE A 141 11.83 -24.03 10.24
N LEU A 142 12.65 -25.01 9.89
CA LEU A 142 12.50 -25.85 8.67
C LEU A 142 11.67 -27.09 9.02
N LEU A 143 11.09 -27.71 8.02
CA LEU A 143 10.21 -28.91 8.16
C LEU A 143 10.77 -30.04 7.30
N SER A 144 10.74 -31.27 7.84
CA SER A 144 11.20 -32.50 7.14
C SER A 144 10.16 -33.62 7.34
N TYR A 145 9.48 -34.03 6.27
CA TYR A 145 8.45 -35.10 6.27
C TYR A 145 9.14 -36.47 6.12
N ALA A 146 8.77 -37.44 6.97
CA ALA A 146 9.02 -38.88 6.78
C ALA A 146 8.12 -39.42 5.66
N ASN A 147 6.78 -39.40 5.85
CA ASN A 147 5.75 -39.77 4.84
C ASN A 147 5.05 -38.50 4.34
N VAL A 153 0.75 -34.99 10.37
CA VAL A 153 1.42 -33.96 11.22
C VAL A 153 2.47 -34.65 12.11
N SER A 154 2.18 -35.87 12.57
CA SER A 154 3.08 -36.70 13.42
C SER A 154 4.34 -37.08 12.61
N GLY A 155 4.27 -37.00 11.28
CA GLY A 155 5.36 -37.39 10.36
C GLY A 155 6.27 -36.22 10.03
N ILE A 156 6.06 -35.07 10.69
CA ILE A 156 6.78 -33.78 10.41
C ILE A 156 7.84 -33.57 11.50
N ARG A 157 9.11 -33.55 11.12
CA ARG A 157 10.24 -33.27 12.03
C ARG A 157 10.72 -31.82 11.81
N ILE A 158 10.99 -31.10 12.89
CA ILE A 158 11.36 -29.66 12.91
C ILE A 158 12.86 -29.54 13.10
N LYS A 159 13.50 -28.68 12.35
CA LYS A 159 14.94 -28.36 12.50
C LYS A 159 15.11 -26.87 12.56
N ILE A 160 15.74 -26.36 13.61
CA ILE A 160 16.16 -24.95 13.72
C ILE A 160 17.30 -24.72 12.75
N ALA A 161 17.31 -23.58 12.06
CA ALA A 161 18.41 -23.17 11.15
C ALA A 161 18.79 -21.72 11.41
N ASP A 162 19.79 -21.24 10.69
CA ASP A 162 20.18 -19.81 10.60
C ASP A 162 20.70 -19.35 11.95
N PHE A 163 21.97 -19.62 12.23
CA PHE A 163 22.70 -19.15 13.42
C PHE A 163 23.53 -17.92 13.07
N GLY A 164 23.11 -17.21 12.03
CA GLY A 164 23.70 -15.92 11.63
C GLY A 164 23.83 -14.98 12.81
N PHE A 165 22.79 -14.88 13.63
CA PHE A 165 22.62 -13.84 14.69
C PHE A 165 22.93 -14.45 16.08
N ALA A 166 23.14 -15.76 16.11
CA ALA A 166 23.45 -16.54 17.32
C ALA A 166 24.69 -15.96 17.99
N ARG A 167 24.82 -16.16 19.28
CA ARG A 167 25.99 -15.74 20.06
C ARG A 167 26.13 -16.64 21.29
N TYR A 168 27.36 -16.84 21.73
CA TYR A 168 27.73 -17.58 22.95
C TYR A 168 27.58 -16.67 24.15
N LEU A 169 27.01 -17.20 25.24
CA LEU A 169 26.99 -16.56 26.59
C LEU A 169 28.38 -16.68 27.22
N HIS A 170 28.93 -15.57 27.69
CA HIS A 170 30.30 -15.46 28.25
C HIS A 170 30.26 -15.76 29.74
N SER A 171 30.24 -17.06 30.11
CA SER A 171 29.95 -17.56 31.49
C SER A 171 31.22 -17.50 32.35
N PRO A 182 38.98 -6.07 34.83
CA PRO A 182 38.52 -5.64 33.48
C PRO A 182 38.25 -4.14 33.43
N MET A 183 39.14 -3.33 34.03
CA MET A 183 38.94 -1.90 34.36
C MET A 183 38.60 -1.11 33.08
N TYR A 184 39.20 -1.47 31.95
CA TYR A 184 39.17 -0.69 30.70
C TYR A 184 37.87 -0.93 29.95
N MET A 185 37.17 -2.00 30.33
CA MET A 185 35.92 -2.41 29.66
C MET A 185 34.78 -1.50 30.12
N ALA A 186 34.00 -0.98 29.16
CA ALA A 186 32.89 -0.05 29.37
C ALA A 186 31.86 -0.68 30.30
N PRO A 187 31.30 0.09 31.27
CA PRO A 187 30.33 -0.44 32.22
C PRO A 187 29.08 -1.06 31.57
N GLU A 188 28.58 -0.45 30.49
CA GLU A 188 27.35 -0.93 29.78
C GLU A 188 27.59 -2.35 29.25
N VAL A 189 28.84 -2.66 28.87
CA VAL A 189 29.26 -3.99 28.32
C VAL A 189 29.35 -5.00 29.47
N ILE A 190 29.98 -4.60 30.55
CA ILE A 190 30.15 -5.44 31.76
C ILE A 190 28.76 -5.89 32.25
N MET A 191 27.81 -4.97 32.29
CA MET A 191 26.53 -5.11 33.02
C MET A 191 25.52 -5.86 32.14
N SER A 192 25.61 -5.70 30.81
CA SER A 192 24.65 -6.24 29.80
C SER A 192 24.99 -7.72 29.46
N GLN A 193 26.04 -8.26 30.04
CA GLN A 193 26.32 -9.73 30.09
C GLN A 193 25.02 -10.47 30.46
N HIS A 194 24.61 -11.44 29.64
CA HIS A 194 23.49 -12.39 29.90
C HIS A 194 22.12 -11.71 29.70
N TYR A 195 22.09 -10.47 29.20
CA TYR A 195 20.86 -9.63 29.11
C TYR A 195 19.84 -10.28 28.16
N ASP A 196 20.33 -11.01 27.15
CA ASP A 196 19.50 -11.64 26.09
C ASP A 196 19.47 -13.15 26.29
N ALA A 197 19.82 -13.61 27.49
CA ALA A 197 19.86 -15.05 27.86
C ALA A 197 18.50 -15.70 27.61
N LYS A 198 17.42 -14.92 27.56
CA LYS A 198 16.03 -15.46 27.49
C LYS A 198 15.34 -14.99 26.20
N ALA A 199 16.10 -14.39 25.28
CA ALA A 199 15.59 -13.79 24.01
C ALA A 199 14.84 -14.85 23.18
N ASP A 200 15.31 -16.09 23.19
CA ASP A 200 14.74 -17.21 22.39
C ASP A 200 13.33 -17.52 22.89
N LEU A 201 13.10 -17.43 24.20
CA LEU A 201 11.81 -17.80 24.84
C LEU A 201 10.71 -16.84 24.37
N TRP A 202 11.03 -15.55 24.22
CA TRP A 202 10.13 -14.55 23.57
C TRP A 202 9.82 -15.00 22.15
N SER A 203 10.84 -15.16 21.32
CA SER A 203 10.72 -15.52 19.88
C SER A 203 9.79 -16.72 19.74
N ILE A 204 10.06 -17.80 20.47
CA ILE A 204 9.24 -19.05 20.47
C ILE A 204 7.79 -18.67 20.78
N GLY A 205 7.62 -17.64 21.62
CA GLY A 205 6.31 -17.09 21.98
C GLY A 205 5.59 -16.50 20.77
N THR A 206 6.19 -15.49 20.13
CA THR A 206 5.64 -14.82 18.91
C THR A 206 5.28 -15.88 17.87
N VAL A 207 6.09 -16.93 17.75
CA VAL A 207 5.94 -17.98 16.71
C VAL A 207 4.70 -18.81 17.02
N ILE A 208 4.62 -19.35 18.23
CA ILE A 208 3.43 -20.14 18.70
C ILE A 208 2.18 -19.26 18.51
N TYR A 209 2.24 -18.02 18.95
CA TYR A 209 1.15 -17.03 18.80
C TYR A 209 0.67 -17.01 17.35
N GLN A 210 1.60 -16.77 16.41
CA GLN A 210 1.29 -16.64 14.97
C GLN A 210 0.68 -17.95 14.46
N CYS A 211 1.20 -19.08 14.92
CA CYS A 211 0.70 -20.44 14.60
C CYS A 211 -0.79 -20.55 14.97
N LEU A 212 -1.17 -19.91 16.08
CA LEU A 212 -2.50 -20.04 16.73
C LEU A 212 -3.47 -18.98 16.14
N VAL A 213 -3.06 -17.72 16.14
CA VAL A 213 -3.92 -16.55 15.80
C VAL A 213 -3.87 -16.29 14.30
N GLY A 214 -2.70 -16.48 13.68
CA GLY A 214 -2.50 -16.36 12.23
C GLY A 214 -1.76 -15.08 11.87
N LYS A 215 -1.27 -14.37 12.87
CA LYS A 215 -0.41 -13.17 12.69
C LYS A 215 0.45 -13.00 13.93
N PRO A 216 1.57 -12.25 13.85
CA PRO A 216 2.41 -12.01 15.02
C PRO A 216 1.65 -11.24 16.08
N PRO A 217 2.04 -11.33 17.37
CA PRO A 217 1.33 -10.66 18.45
C PRO A 217 1.44 -9.11 18.38
N PHE A 218 2.55 -8.60 17.85
CA PHE A 218 2.87 -7.15 17.74
C PHE A 218 3.45 -6.86 16.34
N GLN A 219 2.90 -5.85 15.66
CA GLN A 219 3.34 -5.42 14.30
C GLN A 219 3.48 -3.89 14.26
N ALA A 220 4.50 -3.39 13.55
CA ALA A 220 4.69 -1.97 13.19
C ALA A 220 4.63 -1.84 11.66
N ASN A 221 4.95 -0.65 11.13
CA ASN A 221 5.04 -0.37 9.68
C ASN A 221 6.51 -0.46 9.22
N SER A 222 7.44 -0.63 10.17
CA SER A 222 8.91 -0.59 9.94
C SER A 222 9.65 -1.12 11.17
N PRO A 223 10.99 -1.32 11.09
CA PRO A 223 11.81 -1.62 12.28
C PRO A 223 11.74 -0.52 13.36
N GLN A 224 11.74 0.76 12.95
CA GLN A 224 11.94 1.93 13.86
C GLN A 224 10.66 2.16 14.68
N ASP A 225 9.49 2.06 14.04
CA ASP A 225 8.16 2.07 14.70
C ASP A 225 8.19 1.09 15.87
N LEU A 226 8.60 -0.16 15.59
CA LEU A 226 8.60 -1.29 16.57
C LEU A 226 9.69 -1.06 17.63
N ARG A 227 10.85 -0.49 17.24
CA ARG A 227 11.92 -0.05 18.18
C ARG A 227 11.29 0.84 19.25
N MET A 228 10.55 1.86 18.82
CA MET A 228 9.99 2.92 19.69
C MET A 228 8.76 2.38 20.44
N PHE A 229 8.07 1.38 19.87
CA PHE A 229 6.88 0.71 20.48
C PHE A 229 7.31 -0.08 21.72
N TYR A 230 8.23 -1.02 21.55
CA TYR A 230 8.86 -1.83 22.64
C TYR A 230 9.54 -0.88 23.63
N GLU A 231 10.11 0.21 23.13
CA GLU A 231 10.91 1.21 23.90
C GLU A 231 10.00 1.89 24.93
N LYS A 232 8.87 2.44 24.49
CA LYS A 232 7.94 3.26 25.32
C LYS A 232 7.17 2.37 26.31
N ASN A 233 7.32 1.04 26.19
CA ASN A 233 6.65 0.00 27.03
C ASN A 233 5.12 0.04 26.77
N ARG A 234 4.73 0.37 25.55
CA ARG A 234 3.33 0.28 25.07
C ARG A 234 2.89 -1.18 25.10
N SER A 235 3.83 -2.11 24.93
CA SER A 235 3.61 -3.59 24.89
C SER A 235 2.98 -4.07 26.21
N LEU A 236 1.71 -4.51 26.15
CA LEU A 236 1.04 -5.35 27.17
C LEU A 236 0.74 -6.72 26.55
N MET A 237 0.26 -7.66 27.36
CA MET A 237 -0.13 -9.03 26.91
C MET A 237 -1.00 -8.92 25.66
N PRO A 238 -0.94 -9.90 24.73
CA PRO A 238 -1.75 -9.84 23.51
C PRO A 238 -3.03 -10.68 23.58
N SER A 239 -3.93 -10.50 22.60
CA SER A 239 -5.24 -11.19 22.49
C SER A 239 -5.06 -12.71 22.41
N ILE A 240 -5.22 -13.38 23.55
CA ILE A 240 -5.38 -14.87 23.64
C ILE A 240 -6.86 -15.21 23.49
N PRO A 241 -7.27 -15.83 22.36
CA PRO A 241 -8.67 -16.23 22.17
C PRO A 241 -9.24 -17.05 23.36
N ARG A 242 -10.53 -16.88 23.66
CA ARG A 242 -11.24 -17.53 24.80
C ARG A 242 -11.20 -19.06 24.63
N GLU A 243 -11.15 -19.54 23.38
CA GLU A 243 -11.17 -20.98 23.02
C GLU A 243 -9.88 -21.66 23.51
N THR A 244 -8.75 -20.92 23.53
CA THR A 244 -7.40 -21.42 23.90
C THR A 244 -7.50 -22.28 25.15
N SER A 245 -6.82 -23.43 25.17
CA SER A 245 -6.64 -24.30 26.37
C SER A 245 -5.81 -23.57 27.41
N PRO A 246 -6.03 -23.86 28.71
CA PRO A 246 -5.45 -23.06 29.78
C PRO A 246 -3.91 -23.15 29.75
N TYR A 247 -3.40 -24.37 29.66
CA TYR A 247 -1.96 -24.71 29.57
C TYR A 247 -1.30 -23.81 28.50
N LEU A 248 -1.85 -23.82 27.28
CA LEU A 248 -1.27 -23.11 26.10
C LEU A 248 -1.29 -21.59 26.35
N ALA A 249 -2.37 -21.10 26.96
CA ALA A 249 -2.56 -19.68 27.32
C ALA A 249 -1.51 -19.29 28.39
N ASN A 250 -1.32 -20.17 29.38
CA ASN A 250 -0.31 -20.02 30.47
C ASN A 250 1.08 -19.87 29.84
N LEU A 251 1.47 -20.85 29.03
CA LEU A 251 2.75 -20.89 28.31
C LEU A 251 2.98 -19.56 27.58
N LEU A 252 2.00 -19.12 26.78
CA LEU A 252 2.13 -17.97 25.86
C LEU A 252 2.33 -16.69 26.67
N LEU A 253 1.55 -16.50 27.73
CA LEU A 253 1.56 -15.30 28.61
C LEU A 253 2.88 -15.28 29.41
N GLY A 254 3.40 -16.45 29.76
CA GLY A 254 4.71 -16.62 30.43
C GLY A 254 5.88 -16.33 29.49
N LEU A 255 5.74 -16.65 28.20
CA LEU A 255 6.78 -16.45 27.17
C LEU A 255 6.77 -14.97 26.72
N LEU A 256 5.57 -14.39 26.58
CA LEU A 256 5.38 -13.05 25.96
C LEU A 256 5.42 -11.98 27.05
N GLN A 257 6.58 -11.83 27.71
CA GLN A 257 6.84 -10.90 28.82
C GLN A 257 7.93 -9.91 28.39
N ARG A 258 7.56 -8.65 28.12
CA ARG A 258 8.46 -7.63 27.53
C ARG A 258 9.76 -7.54 28.35
N ASN A 259 9.68 -7.79 29.66
CA ASN A 259 10.85 -7.76 30.59
C ASN A 259 11.28 -9.20 30.92
N GLN A 260 12.57 -9.53 30.69
CA GLN A 260 13.14 -10.91 30.78
C GLN A 260 13.16 -11.38 32.23
N LYS A 261 13.41 -10.46 33.16
CA LYS A 261 13.23 -10.65 34.63
C LYS A 261 11.93 -11.43 34.89
N ASP A 262 10.82 -10.99 34.27
CA ASP A 262 9.43 -11.50 34.51
C ASP A 262 9.19 -12.76 33.66
N ARG A 263 9.93 -12.90 32.56
CA ARG A 263 9.66 -13.91 31.49
C ARG A 263 10.02 -15.29 32.00
N MET A 264 9.14 -16.27 31.75
CA MET A 264 9.35 -17.71 32.03
C MET A 264 10.82 -18.05 31.88
N ASP A 265 11.39 -18.76 32.86
CA ASP A 265 12.77 -19.31 32.79
C ASP A 265 12.71 -20.63 32.01
N PHE A 266 13.87 -21.14 31.61
CA PHE A 266 14.01 -22.27 30.64
C PHE A 266 13.39 -23.53 31.24
N GLU A 267 13.79 -23.91 32.45
CA GLU A 267 13.38 -25.20 33.10
C GLU A 267 11.85 -25.23 33.23
N ALA A 268 11.24 -24.08 33.53
CA ALA A 268 9.76 -23.88 33.58
C ALA A 268 9.16 -24.20 32.20
N PHE A 269 9.80 -23.70 31.15
CA PHE A 269 9.40 -23.90 29.73
C PHE A 269 9.57 -25.37 29.35
N PHE A 270 10.77 -25.92 29.57
CA PHE A 270 11.17 -27.29 29.15
C PHE A 270 10.20 -28.32 29.70
N SER A 271 9.64 -28.06 30.87
CA SER A 271 8.83 -29.03 31.67
C SER A 271 7.39 -28.52 31.83
N HIS A 272 7.01 -27.49 31.09
CA HIS A 272 5.66 -26.87 31.11
C HIS A 272 4.59 -27.94 30.82
N PRO A 273 3.46 -27.91 31.53
CA PRO A 273 2.43 -28.95 31.40
C PRO A 273 1.98 -29.22 29.96
N PHE A 274 1.91 -28.16 29.15
CA PHE A 274 1.36 -28.19 27.78
C PHE A 274 2.09 -29.24 26.94
N LEU A 275 3.39 -29.38 27.16
CA LEU A 275 4.32 -30.13 26.27
C LEU A 275 4.11 -31.64 26.46
N GLU A 276 3.85 -32.08 27.68
CA GLU A 276 4.02 -33.50 28.11
C GLU A 276 2.65 -34.08 28.49
N GLN A 277 1.61 -33.75 27.71
CA GLN A 277 0.24 -34.30 27.89
C GLN A 277 -0.19 -35.03 26.61
N GLY A 278 -1.32 -35.74 26.67
CA GLY A 278 -1.80 -36.65 25.60
C GLY A 278 -3.20 -37.17 25.87
N GLY B 1 -49.98 25.56 18.08
CA GLY B 1 -49.46 25.85 19.47
C GLY B 1 -48.92 27.26 19.57
N GLY B 2 -49.80 28.26 19.57
CA GLY B 2 -49.47 29.66 19.85
C GLY B 2 -48.85 29.81 21.23
N GLY B 3 -49.54 29.17 22.21
CA GLY B 3 -49.38 29.41 23.67
C GLY B 3 -48.02 28.93 24.19
N SER B 4 -47.61 29.44 25.38
CA SER B 4 -46.28 29.23 26.00
C SER B 4 -46.13 27.79 26.45
N MET B 5 -47.02 27.33 27.34
CA MET B 5 -47.02 25.96 27.93
C MET B 5 -47.49 24.95 26.87
N GLU B 6 -47.24 23.67 27.15
CA GLU B 6 -47.75 22.53 26.35
C GLU B 6 -47.73 21.27 27.21
N VAL B 7 -48.70 20.40 26.98
CA VAL B 7 -48.89 19.14 27.74
C VAL B 7 -48.53 17.97 26.83
N VAL B 8 -47.75 17.05 27.34
CA VAL B 8 -47.25 15.83 26.64
C VAL B 8 -47.42 14.62 27.59
N GLY B 9 -48.47 13.83 27.38
CA GLY B 9 -48.93 12.83 28.36
C GLY B 9 -48.95 13.40 29.77
N ASP B 10 -48.17 12.81 30.68
CA ASP B 10 -48.12 13.16 32.12
C ASP B 10 -47.12 14.31 32.34
N PHE B 11 -46.52 14.82 31.27
CA PHE B 11 -45.43 15.83 31.32
C PHE B 11 -45.89 17.13 30.66
N GLU B 12 -45.14 18.18 30.86
CA GLU B 12 -45.41 19.53 30.35
C GLU B 12 -44.09 20.28 30.20
N TYR B 13 -44.05 21.25 29.30
CA TYR B 13 -42.91 22.16 29.11
C TYR B 13 -43.42 23.51 28.67
N SER B 14 -42.71 24.55 29.06
CA SER B 14 -42.76 25.91 28.46
C SER B 14 -41.85 25.94 27.23
N LYS B 15 -42.31 26.58 26.18
CA LYS B 15 -41.55 26.82 24.95
C LYS B 15 -40.42 27.83 25.27
N ARG B 16 -40.51 28.50 26.43
CA ARG B 16 -39.45 29.40 26.97
C ARG B 16 -38.17 28.60 27.26
N ASP B 17 -38.28 27.29 27.46
CA ASP B 17 -37.19 26.44 28.04
C ASP B 17 -36.62 25.52 26.94
N LEU B 18 -36.51 26.01 25.70
CA LEU B 18 -35.79 25.35 24.58
C LEU B 18 -34.32 25.22 24.96
N VAL B 19 -33.71 24.04 24.80
CA VAL B 19 -32.29 23.81 25.23
C VAL B 19 -31.41 23.44 24.02
N GLY B 20 -31.97 22.92 22.93
CA GLY B 20 -31.20 22.56 21.72
C GLY B 20 -32.04 21.89 20.66
N HIS B 21 -31.45 21.62 19.50
CA HIS B 21 -32.15 21.02 18.33
C HIS B 21 -31.44 19.74 17.91
N GLY B 22 -32.21 18.77 17.39
CA GLY B 22 -31.72 17.63 16.60
C GLY B 22 -32.24 17.67 15.17
N ALA B 23 -32.33 16.51 14.51
CA ALA B 23 -32.81 16.37 13.12
C ALA B 23 -34.34 16.51 13.11
N PHE B 24 -34.84 17.55 12.46
CA PHE B 24 -36.28 17.87 12.35
C PHE B 24 -36.89 17.98 13.76
N ALA B 25 -36.02 18.13 14.78
CA ALA B 25 -36.34 17.98 16.22
C ALA B 25 -35.94 19.24 16.98
N VAL B 26 -36.69 19.57 18.03
CA VAL B 26 -36.36 20.64 19.01
C VAL B 26 -36.54 20.06 20.40
N VAL B 27 -35.64 20.39 21.32
CA VAL B 27 -35.62 19.82 22.70
C VAL B 27 -35.88 20.92 23.71
N PHE B 28 -36.85 20.72 24.57
CA PHE B 28 -37.20 21.61 25.69
C PHE B 28 -36.88 20.88 26.99
N ARG B 29 -36.45 21.61 28.02
CA ARG B 29 -36.58 21.19 29.43
C ARG B 29 -38.06 21.19 29.81
N GLY B 30 -38.50 20.15 30.48
CA GLY B 30 -39.88 19.97 30.94
C GLY B 30 -39.93 19.45 32.35
N ARG B 31 -41.03 18.82 32.72
CA ARG B 31 -41.26 18.26 34.07
C ARG B 31 -42.52 17.44 34.05
N HIS B 32 -42.64 16.49 34.97
CA HIS B 32 -43.90 15.79 35.30
C HIS B 32 -44.90 16.83 35.84
N ARG B 33 -46.18 16.67 35.49
CA ARG B 33 -47.22 17.67 35.79
C ARG B 33 -47.54 17.65 37.30
N GLN B 34 -47.44 16.49 37.96
CA GLN B 34 -47.66 16.36 39.45
C GLN B 34 -46.32 16.43 40.18
N LYS B 35 -45.35 15.59 39.78
CA LYS B 35 -44.00 15.53 40.40
C LYS B 35 -43.09 16.56 39.70
N THR B 36 -43.26 17.84 40.02
CA THR B 36 -42.78 18.97 39.20
C THR B 36 -41.28 19.19 39.42
N ASP B 37 -40.72 18.59 40.47
CA ASP B 37 -39.26 18.59 40.76
C ASP B 37 -38.57 17.57 39.84
N TRP B 38 -39.34 16.74 39.11
CA TRP B 38 -38.82 15.75 38.14
C TRP B 38 -38.68 16.39 36.76
N GLU B 39 -37.49 16.90 36.45
CA GLU B 39 -37.15 17.52 35.14
C GLU B 39 -37.00 16.42 34.09
N VAL B 40 -37.41 16.70 32.86
CA VAL B 40 -37.26 15.79 31.69
C VAL B 40 -36.84 16.61 30.47
N ALA B 41 -36.31 15.96 29.46
CA ALA B 41 -36.12 16.54 28.11
C ALA B 41 -37.26 16.06 27.24
N ILE B 42 -37.91 16.99 26.56
CA ILE B 42 -39.01 16.70 25.61
C ILE B 42 -38.52 17.04 24.22
N LYS B 43 -38.33 16.01 23.40
CA LYS B 43 -37.85 16.12 22.02
C LYS B 43 -39.07 16.14 21.09
N SER B 44 -39.42 17.30 20.57
CA SER B 44 -40.50 17.47 19.57
C SER B 44 -39.93 17.20 18.17
N ILE B 45 -40.58 16.33 17.40
CA ILE B 45 -40.13 15.89 16.06
C ILE B 45 -41.25 16.13 15.06
N ASN B 46 -40.98 16.95 14.04
CA ASN B 46 -41.94 17.25 12.96
C ASN B 46 -42.16 15.99 12.12
N LYS B 47 -43.41 15.53 12.04
CA LYS B 47 -43.79 14.24 11.40
C LYS B 47 -43.58 14.36 9.88
N LYS B 48 -44.08 15.44 9.26
CA LYS B 48 -44.00 15.65 7.79
C LYS B 48 -42.53 15.63 7.36
N ASN B 49 -41.67 16.31 8.12
CA ASN B 49 -40.20 16.34 7.90
C ASN B 49 -39.65 14.93 7.97
N LEU B 50 -39.95 14.22 9.06
CA LEU B 50 -39.52 12.83 9.31
C LEU B 50 -39.93 11.94 8.14
N SER B 51 -41.20 12.04 7.70
CA SER B 51 -41.81 11.13 6.69
C SER B 51 -41.11 11.28 5.34
N LYS B 52 -40.41 12.39 5.13
CA LYS B 52 -39.67 12.71 3.88
C LYS B 52 -38.19 12.36 4.06
N SER B 53 -37.77 12.04 5.29
CA SER B 53 -36.41 11.60 5.65
C SER B 53 -36.32 10.07 5.62
N GLN B 54 -35.15 9.52 5.92
CA GLN B 54 -34.90 8.06 5.99
C GLN B 54 -34.56 7.69 7.45
N ILE B 55 -34.86 8.60 8.38
CA ILE B 55 -34.76 8.37 9.84
C ILE B 55 -35.77 7.29 10.23
N LEU B 56 -35.32 6.28 10.95
CA LEU B 56 -36.17 5.23 11.53
C LEU B 56 -36.37 5.51 13.02
N LEU B 57 -37.35 6.35 13.35
CA LEU B 57 -37.69 6.74 14.75
C LEU B 57 -38.19 5.51 15.51
N GLY B 58 -38.99 4.67 14.86
CA GLY B 58 -39.47 3.39 15.41
C GLY B 58 -38.32 2.56 15.95
N LYS B 59 -37.24 2.46 15.19
CA LYS B 59 -36.03 1.70 15.58
C LYS B 59 -35.41 2.35 16.81
N GLU B 60 -35.26 3.67 16.79
CA GLU B 60 -34.62 4.43 17.90
C GLU B 60 -35.40 4.20 19.19
N ILE B 61 -36.73 4.23 19.11
CA ILE B 61 -37.65 4.00 20.26
C ILE B 61 -37.48 2.55 20.72
N LYS B 62 -37.45 1.60 19.78
CA LYS B 62 -37.30 0.15 20.06
C LYS B 62 -36.03 -0.04 20.89
N ILE B 63 -34.92 0.58 20.47
CA ILE B 63 -33.58 0.39 21.09
C ILE B 63 -33.57 1.09 22.45
N LEU B 64 -34.04 2.33 22.51
CA LEU B 64 -34.11 3.14 23.76
C LEU B 64 -34.90 2.37 24.83
N LYS B 65 -36.04 1.77 24.44
CA LYS B 65 -36.96 1.04 25.34
C LYS B 65 -36.23 -0.17 25.93
N GLU B 66 -35.44 -0.83 25.10
CA GLU B 66 -34.76 -2.12 25.39
C GLU B 66 -33.60 -1.86 26.37
N LEU B 67 -32.98 -0.67 26.28
CA LEU B 67 -31.80 -0.28 27.11
C LEU B 67 -32.28 0.50 28.31
N GLN B 68 -32.09 -0.05 29.49
CA GLN B 68 -32.38 0.59 30.78
C GLN B 68 -31.10 0.58 31.61
N HIS B 69 -30.12 1.38 31.21
CA HIS B 69 -28.84 1.58 31.91
C HIS B 69 -28.72 3.04 32.33
N GLU B 70 -27.97 3.32 33.41
CA GLU B 70 -27.80 4.66 34.03
C GLU B 70 -26.78 5.49 33.22
N ASN B 71 -26.21 4.90 32.16
CA ASN B 71 -25.24 5.59 31.26
C ASN B 71 -25.78 5.54 29.83
N ILE B 72 -27.06 5.21 29.68
CA ILE B 72 -27.82 5.35 28.41
C ILE B 72 -29.06 6.19 28.68
N VAL B 73 -29.29 7.21 27.86
CA VAL B 73 -30.31 8.25 28.11
C VAL B 73 -31.68 7.57 28.17
N ALA B 74 -32.39 7.77 29.28
CA ALA B 74 -33.68 7.10 29.59
C ALA B 74 -34.80 7.71 28.71
N LEU B 75 -35.60 6.86 28.08
CA LEU B 75 -36.88 7.20 27.46
C LEU B 75 -38.01 6.85 28.41
N TYR B 76 -38.86 7.81 28.73
CA TYR B 76 -39.95 7.67 29.73
C TYR B 76 -41.29 7.48 29.03
N ASP B 77 -41.49 8.15 27.88
CA ASP B 77 -42.81 8.21 27.20
C ASP B 77 -42.63 8.62 25.74
N VAL B 78 -43.54 8.16 24.88
CA VAL B 78 -43.72 8.66 23.48
C VAL B 78 -45.18 9.10 23.31
N GLN B 79 -45.40 10.34 22.84
CA GLN B 79 -46.72 10.90 22.52
C GLN B 79 -46.76 11.29 21.05
N GLU B 80 -47.88 11.05 20.38
CA GLU B 80 -48.09 11.35 18.94
C GLU B 80 -49.25 12.33 18.82
N LEU B 81 -48.95 13.63 18.65
CA LEU B 81 -49.91 14.65 18.15
C LEU B 81 -50.00 14.57 16.63
N PRO B 82 -50.91 15.34 15.98
CA PRO B 82 -51.09 15.25 14.52
C PRO B 82 -49.85 15.72 13.75
N ASN B 83 -49.17 16.77 14.25
CA ASN B 83 -48.07 17.49 13.54
C ASN B 83 -46.69 17.03 14.07
N SER B 84 -46.63 16.44 15.27
CA SER B 84 -45.38 16.17 16.03
C SER B 84 -45.46 14.81 16.72
N VAL B 85 -44.32 14.12 16.81
CA VAL B 85 -44.04 13.05 17.79
C VAL B 85 -43.21 13.68 18.91
N PHE B 86 -43.51 13.36 20.17
CA PHE B 86 -42.75 13.80 21.37
C PHE B 86 -42.08 12.60 22.01
N LEU B 87 -40.80 12.73 22.34
CA LEU B 87 -40.06 11.76 23.17
C LEU B 87 -39.73 12.41 24.51
N VAL B 88 -40.27 11.86 25.60
CA VAL B 88 -39.96 12.31 26.98
C VAL B 88 -38.80 11.48 27.51
N MET B 89 -37.73 12.14 27.92
CA MET B 89 -36.41 11.53 28.09
C MET B 89 -35.71 12.17 29.29
N GLU B 90 -34.76 11.44 29.86
CA GLU B 90 -33.83 11.92 30.90
C GLU B 90 -33.37 13.33 30.55
N TYR B 91 -33.45 14.26 31.49
CA TYR B 91 -32.82 15.59 31.40
C TYR B 91 -31.35 15.47 31.78
N CYS B 92 -30.48 15.95 30.91
CA CYS B 92 -29.03 15.97 31.10
C CYS B 92 -28.57 17.42 31.15
N ASN B 93 -28.45 17.97 32.35
CA ASN B 93 -28.33 19.43 32.62
C ASN B 93 -26.94 19.92 32.23
N GLY B 94 -26.15 19.09 31.57
CA GLY B 94 -24.72 19.34 31.31
C GLY B 94 -24.44 19.64 29.85
N GLY B 95 -25.44 19.46 28.99
CA GLY B 95 -25.25 19.51 27.54
C GLY B 95 -24.46 18.32 27.06
N ASP B 96 -23.77 18.45 25.94
CA ASP B 96 -23.00 17.35 25.32
C ASP B 96 -21.51 17.54 25.61
N LEU B 97 -20.70 16.50 25.36
CA LEU B 97 -19.23 16.49 25.56
C LEU B 97 -18.60 17.61 24.70
N ALA B 98 -19.14 17.85 23.51
CA ALA B 98 -18.68 18.90 22.56
C ALA B 98 -18.60 20.25 23.28
N ASP B 99 -19.66 20.65 23.97
CA ASP B 99 -19.75 21.91 24.76
C ASP B 99 -18.69 21.88 25.86
N TYR B 100 -18.55 20.74 26.54
CA TYR B 100 -17.66 20.57 27.73
C TYR B 100 -16.20 20.70 27.31
N LEU B 101 -15.86 20.16 26.14
CA LEU B 101 -14.50 20.23 25.53
C LEU B 101 -14.21 21.66 25.07
N GLN B 102 -15.19 22.33 24.45
CA GLN B 102 -15.10 23.74 23.96
C GLN B 102 -14.82 24.66 25.17
N ALA B 103 -15.23 24.24 26.37
CA ALA B 103 -15.09 24.98 27.64
C ALA B 103 -13.76 24.62 28.31
N LYS B 104 -13.55 23.33 28.60
CA LYS B 104 -12.43 22.80 29.44
C LYS B 104 -11.15 22.68 28.60
N GLY B 105 -11.30 22.50 27.28
CA GLY B 105 -10.19 22.44 26.31
C GLY B 105 -9.75 21.01 26.06
N THR B 106 -8.71 20.57 26.74
CA THR B 106 -8.29 19.15 26.87
C THR B 106 -8.57 18.69 28.31
N LEU B 107 -8.55 17.38 28.54
CA LEU B 107 -8.92 16.75 29.84
C LEU B 107 -7.73 15.95 30.38
N SER B 108 -7.61 15.88 31.70
CA SER B 108 -6.64 15.03 32.44
C SER B 108 -6.95 13.55 32.17
N GLU B 109 -5.96 12.68 32.30
CA GLU B 109 -6.12 11.22 32.16
C GLU B 109 -7.06 10.72 33.25
N ASP B 110 -7.03 11.34 34.44
CA ASP B 110 -7.95 11.05 35.58
C ASP B 110 -9.39 11.31 35.13
N THR B 111 -9.63 12.47 34.53
CA THR B 111 -10.96 12.90 34.01
C THR B 111 -11.41 11.92 32.91
N ILE B 112 -10.54 11.66 31.93
CA ILE B 112 -10.88 10.83 30.73
C ILE B 112 -11.23 9.41 31.18
N ARG B 113 -10.58 8.92 32.26
CA ARG B 113 -10.81 7.56 32.83
C ARG B 113 -12.22 7.49 33.45
N VAL B 114 -12.57 8.51 34.24
CA VAL B 114 -13.90 8.62 34.92
C VAL B 114 -15.00 8.58 33.86
N PHE B 115 -14.80 9.29 32.74
CA PHE B 115 -15.77 9.41 31.62
C PHE B 115 -15.85 8.08 30.87
N LEU B 116 -14.68 7.51 30.55
CA LEU B 116 -14.54 6.29 29.72
C LEU B 116 -15.10 5.08 30.46
N HIS B 117 -14.89 5.01 31.78
CA HIS B 117 -15.52 4.00 32.69
C HIS B 117 -17.02 3.94 32.38
N GLN B 118 -17.67 5.10 32.32
CA GLN B 118 -19.13 5.23 32.19
C GLN B 118 -19.53 4.91 30.74
N ILE B 119 -18.74 5.35 29.75
CA ILE B 119 -18.99 5.06 28.30
C ILE B 119 -18.84 3.56 28.07
N ALA B 120 -17.82 2.94 28.68
CA ALA B 120 -17.56 1.49 28.65
C ALA B 120 -18.77 0.75 29.24
N ALA B 121 -19.26 1.21 30.39
CA ALA B 121 -20.45 0.65 31.08
C ALA B 121 -21.61 0.54 30.09
N ALA B 122 -21.86 1.58 29.31
CA ALA B 122 -22.94 1.67 28.31
C ALA B 122 -22.62 0.73 27.13
N MET B 123 -21.37 0.70 26.70
CA MET B 123 -20.89 -0.14 25.57
C MET B 123 -21.13 -1.63 25.89
N ARG B 124 -20.90 -2.04 27.15
CA ARG B 124 -21.25 -3.40 27.67
C ARG B 124 -22.66 -3.76 27.21
N ILE B 125 -23.61 -2.87 27.49
CA ILE B 125 -25.06 -3.15 27.36
C ILE B 125 -25.39 -3.28 25.87
N LEU B 126 -24.82 -2.41 25.02
CA LEU B 126 -25.02 -2.44 23.55
C LEU B 126 -24.43 -3.76 23.01
N HIS B 127 -23.20 -4.09 23.38
CA HIS B 127 -22.49 -5.30 22.91
C HIS B 127 -23.29 -6.55 23.29
N SER B 128 -23.84 -6.58 24.51
CA SER B 128 -24.49 -7.76 25.11
C SER B 128 -25.92 -7.92 24.55
N LYS B 129 -26.50 -6.85 23.97
CA LYS B 129 -27.80 -6.88 23.24
C LYS B 129 -27.54 -6.87 21.72
N GLY B 130 -26.27 -6.89 21.30
CA GLY B 130 -25.85 -6.98 19.89
C GLY B 130 -26.26 -5.76 19.10
N ILE B 131 -26.24 -4.58 19.73
CA ILE B 131 -26.49 -3.25 19.10
C ILE B 131 -25.16 -2.57 18.81
N ILE B 132 -24.98 -2.09 17.59
CA ILE B 132 -23.89 -1.16 17.20
C ILE B 132 -24.48 0.25 17.06
N HIS B 133 -23.95 1.22 17.80
CA HIS B 133 -24.37 2.66 17.78
C HIS B 133 -24.03 3.28 16.41
N ARG B 134 -22.74 3.37 16.07
CA ARG B 134 -22.23 3.65 14.69
C ARG B 134 -22.12 5.16 14.44
N ASP B 135 -22.68 5.98 15.32
CA ASP B 135 -22.62 7.45 15.22
C ASP B 135 -22.26 8.04 16.60
N LEU B 136 -21.52 7.29 17.41
CA LEU B 136 -20.85 7.80 18.62
C LEU B 136 -19.98 8.98 18.25
N LYS B 137 -20.06 10.05 19.06
CA LYS B 137 -19.26 11.29 18.94
C LYS B 137 -19.60 12.19 20.13
N PRO B 138 -18.85 13.30 20.33
CA PRO B 138 -19.07 14.16 21.51
C PRO B 138 -20.46 14.83 21.54
N GLN B 139 -21.10 14.98 20.38
CA GLN B 139 -22.46 15.60 20.23
C GLN B 139 -23.53 14.63 20.80
N ASN B 140 -23.17 13.35 20.94
CA ASN B 140 -24.10 12.23 21.28
C ASN B 140 -23.91 11.81 22.73
N ILE B 141 -22.86 12.31 23.36
CA ILE B 141 -22.46 11.94 24.74
C ILE B 141 -22.85 13.08 25.66
N LEU B 142 -23.95 12.90 26.39
CA LEU B 142 -24.59 13.96 27.21
C LEU B 142 -24.02 13.90 28.64
N LEU B 143 -24.13 15.00 29.38
CA LEU B 143 -23.58 15.15 30.74
C LEU B 143 -24.69 15.51 31.72
N SER B 144 -24.68 14.94 32.92
CA SER B 144 -25.65 15.19 34.01
C SER B 144 -24.89 15.40 35.33
N TYR B 145 -24.93 16.64 35.85
CA TYR B 145 -24.27 17.07 37.09
C TYR B 145 -25.18 16.75 38.29
N ALA B 146 -24.60 16.22 39.37
CA ALA B 146 -25.14 16.29 40.75
C ALA B 146 -25.10 17.74 41.28
N ASN B 147 -23.89 18.32 41.41
CA ASN B 147 -23.65 19.64 42.08
C ASN B 147 -24.52 20.72 41.42
N VAL B 153 -15.64 17.13 38.83
CA VAL B 153 -15.66 16.13 37.72
C VAL B 153 -16.29 14.82 38.22
N SER B 154 -16.09 14.50 39.50
CA SER B 154 -16.62 13.28 40.16
C SER B 154 -18.15 13.34 40.23
N GLY B 155 -18.73 14.53 40.07
CA GLY B 155 -20.19 14.76 40.13
C GLY B 155 -20.87 14.63 38.77
N ILE B 156 -20.13 14.22 37.74
CA ILE B 156 -20.58 14.24 36.31
C ILE B 156 -20.92 12.81 35.88
N ARG B 157 -22.19 12.55 35.54
CA ARG B 157 -22.63 11.25 35.00
C ARG B 157 -22.85 11.37 33.48
N ILE B 158 -22.40 10.37 32.73
CA ILE B 158 -22.38 10.34 31.24
C ILE B 158 -23.54 9.48 30.75
N LYS B 159 -24.25 9.93 29.73
CA LYS B 159 -25.37 9.18 29.09
C LYS B 159 -25.17 9.22 27.57
N ILE B 160 -25.11 8.05 26.93
CA ILE B 160 -25.10 7.91 25.46
C ILE B 160 -26.49 8.25 24.94
N ALA B 161 -26.57 8.92 23.80
CA ALA B 161 -27.84 9.26 23.13
C ALA B 161 -27.73 9.03 21.62
N ASP B 162 -28.83 9.25 20.90
CA ASP B 162 -28.92 9.31 19.42
C ASP B 162 -28.64 7.95 18.84
N PHE B 163 -29.65 7.10 18.77
CA PHE B 163 -29.58 5.75 18.17
C PHE B 163 -30.15 5.78 16.75
N GLY B 164 -30.12 6.95 16.14
CA GLY B 164 -30.55 7.18 14.76
C GLY B 164 -29.90 6.20 13.80
N PHE B 165 -28.60 5.93 13.98
CA PHE B 165 -27.76 5.18 13.03
C PHE B 165 -27.48 3.78 13.57
N ALA B 166 -27.93 3.51 14.81
CA ALA B 166 -27.77 2.21 15.51
C ALA B 166 -28.38 1.11 14.66
N ARG B 167 -27.87 -0.10 14.79
CA ARG B 167 -28.38 -1.29 14.09
C ARG B 167 -28.09 -2.54 14.91
N TYR B 168 -28.99 -3.51 14.87
CA TYR B 168 -28.86 -4.84 15.53
C TYR B 168 -27.99 -5.72 14.66
N LEU B 169 -27.09 -6.48 15.29
CA LEU B 169 -26.32 -7.58 14.65
C LEU B 169 -27.22 -8.80 14.52
N HIS B 170 -27.28 -9.39 13.33
CA HIS B 170 -28.11 -10.57 13.00
C HIS B 170 -27.34 -11.86 13.33
N SER B 171 -27.30 -12.24 14.61
CA SER B 171 -26.88 -13.59 15.09
C SER B 171 -28.11 -14.49 15.25
N PRO B 182 -30.22 -19.60 3.11
CA PRO B 182 -30.25 -18.24 2.51
C PRO B 182 -29.57 -18.23 1.14
N MET B 183 -29.90 -19.22 0.31
CA MET B 183 -29.35 -19.41 -1.05
C MET B 183 -29.57 -18.15 -1.90
N TYR B 184 -30.69 -17.48 -1.72
CA TYR B 184 -31.21 -16.42 -2.62
C TYR B 184 -30.51 -15.11 -2.30
N MET B 185 -29.90 -15.03 -1.13
CA MET B 185 -29.29 -13.78 -0.60
C MET B 185 -27.97 -13.50 -1.35
N ALA B 186 -27.77 -12.26 -1.79
CA ALA B 186 -26.53 -11.76 -2.45
C ALA B 186 -25.32 -12.07 -1.60
N PRO B 187 -24.21 -12.55 -2.23
CA PRO B 187 -23.00 -12.91 -1.50
C PRO B 187 -22.40 -11.75 -0.69
N GLU B 188 -22.42 -10.53 -1.23
CA GLU B 188 -21.87 -9.32 -0.55
C GLU B 188 -22.58 -9.10 0.79
N VAL B 189 -23.88 -9.45 0.88
CA VAL B 189 -24.72 -9.31 2.10
C VAL B 189 -24.37 -10.45 3.07
N ILE B 190 -24.30 -11.67 2.58
CA ILE B 190 -23.93 -12.87 3.39
C ILE B 190 -22.61 -12.60 4.11
N MET B 191 -21.63 -12.05 3.40
CA MET B 191 -20.21 -12.02 3.81
C MET B 191 -20.00 -10.84 4.75
N SER B 192 -20.72 -9.73 4.53
CA SER B 192 -20.55 -8.44 5.21
C SER B 192 -21.32 -8.43 6.54
N GLN B 193 -22.00 -9.54 6.87
CA GLN B 193 -22.54 -9.81 8.22
C GLN B 193 -21.44 -9.53 9.25
N HIS B 194 -21.73 -8.67 10.24
CA HIS B 194 -20.83 -8.39 11.41
C HIS B 194 -19.64 -7.48 11.02
N TYR B 195 -19.62 -6.95 9.79
CA TYR B 195 -18.48 -6.18 9.22
C TYR B 195 -18.23 -4.91 10.04
N ASP B 196 -19.28 -4.33 10.64
CA ASP B 196 -19.21 -3.05 11.40
C ASP B 196 -19.35 -3.34 12.90
N ALA B 197 -19.16 -4.59 13.31
CA ALA B 197 -19.36 -5.08 14.70
C ALA B 197 -18.51 -4.27 15.66
N LYS B 198 -17.43 -3.62 15.18
CA LYS B 198 -16.39 -2.99 16.03
C LYS B 198 -16.32 -1.50 15.77
N ALA B 199 -17.30 -0.94 15.03
CA ALA B 199 -17.34 0.48 14.60
C ALA B 199 -17.27 1.41 15.82
N ASP B 200 -17.93 1.02 16.91
CA ASP B 200 -18.05 1.85 18.14
C ASP B 200 -16.67 2.01 18.78
N LEU B 201 -15.85 0.97 18.73
CA LEU B 201 -14.50 0.96 19.40
C LEU B 201 -13.58 2.00 18.75
N TRP B 202 -13.64 2.15 17.41
CA TRP B 202 -12.97 3.25 16.66
C TRP B 202 -13.45 4.60 17.19
N SER B 203 -14.76 4.84 17.12
CA SER B 203 -15.41 6.13 17.50
C SER B 203 -14.94 6.52 18.89
N ILE B 204 -15.07 5.61 19.85
CA ILE B 204 -14.66 5.86 21.27
C ILE B 204 -13.17 6.24 21.28
N GLY B 205 -12.40 5.71 20.33
CA GLY B 205 -10.99 6.06 20.12
C GLY B 205 -10.81 7.51 19.74
N THR B 206 -11.40 7.93 18.62
CA THR B 206 -11.35 9.34 18.13
C THR B 206 -11.77 10.29 19.27
N VAL B 207 -12.76 9.89 20.06
CA VAL B 207 -13.38 10.74 21.12
C VAL B 207 -12.36 10.92 22.25
N ILE B 208 -11.84 9.82 22.79
CA ILE B 208 -10.80 9.84 23.85
C ILE B 208 -9.63 10.70 23.35
N TYR B 209 -9.17 10.43 22.13
CA TYR B 209 -8.09 11.19 21.47
C TYR B 209 -8.37 12.68 21.58
N GLN B 210 -9.54 13.12 21.10
CA GLN B 210 -9.93 14.55 21.05
C GLN B 210 -9.93 15.12 22.46
N CYS B 211 -10.44 14.36 23.42
CA CYS B 211 -10.48 14.74 24.86
C CYS B 211 -9.07 15.09 25.34
N LEU B 212 -8.07 14.35 24.84
CA LEU B 212 -6.67 14.35 25.37
C LEU B 212 -5.84 15.38 24.61
N VAL B 213 -5.89 15.32 23.27
CA VAL B 213 -5.03 16.11 22.34
C VAL B 213 -5.70 17.46 22.06
N GLY B 214 -7.03 17.46 21.93
CA GLY B 214 -7.84 18.69 21.78
C GLY B 214 -8.42 18.81 20.38
N LYS B 215 -8.19 17.80 19.55
CA LYS B 215 -8.81 17.67 18.20
C LYS B 215 -8.82 16.19 17.83
N PRO B 216 -9.72 15.76 16.92
CA PRO B 216 -9.70 14.40 16.41
C PRO B 216 -8.37 14.12 15.71
N PRO B 217 -7.99 12.83 15.58
CA PRO B 217 -6.61 12.46 15.23
C PRO B 217 -6.23 12.66 13.73
N PHE B 218 -7.22 12.70 12.84
CA PHE B 218 -7.02 12.70 11.36
C PHE B 218 -7.86 13.81 10.72
N MET B 237 -0.79 4.62 12.41
CA MET B 237 -0.84 5.07 13.83
C MET B 237 -0.83 6.60 13.88
N PRO B 238 -1.55 7.20 14.85
CA PRO B 238 -1.61 8.66 14.96
C PRO B 238 -0.67 9.25 16.02
N SER B 239 -0.50 10.58 16.00
CA SER B 239 0.40 11.34 16.91
C SER B 239 -0.07 11.19 18.36
N ILE B 240 0.53 10.25 19.11
CA ILE B 240 0.34 10.09 20.59
C ILE B 240 1.36 10.94 21.31
N PRO B 241 0.93 12.05 21.96
CA PRO B 241 1.85 12.91 22.72
C PRO B 241 2.74 12.14 23.70
N ARG B 242 3.97 12.61 23.89
CA ARG B 242 5.03 11.94 24.69
C ARG B 242 4.60 11.85 26.16
N GLU B 243 3.75 12.78 26.61
CA GLU B 243 3.24 12.87 28.01
C GLU B 243 2.37 11.63 28.33
N THR B 244 1.63 11.14 27.31
CA THR B 244 0.59 10.08 27.44
C THR B 244 1.12 8.93 28.29
N SER B 245 0.31 8.43 29.23
CA SER B 245 0.62 7.23 30.05
C SER B 245 0.61 6.00 29.16
N PRO B 246 1.36 4.93 29.50
CA PRO B 246 1.54 3.80 28.58
C PRO B 246 0.21 3.10 28.30
N TYR B 247 -0.54 2.80 29.36
CA TYR B 247 -1.89 2.21 29.33
C TYR B 247 -2.77 2.95 28.31
N LEU B 248 -2.88 4.26 28.45
CA LEU B 248 -3.78 5.11 27.63
C LEU B 248 -3.32 5.10 26.17
N ALA B 249 -2.01 5.10 25.95
CA ALA B 249 -1.38 5.03 24.62
C ALA B 249 -1.69 3.67 23.98
N ASN B 250 -1.58 2.59 24.78
CA ASN B 250 -1.94 1.20 24.37
C ASN B 250 -3.41 1.18 23.90
N LEU B 251 -4.31 1.60 24.78
CA LEU B 251 -5.76 1.67 24.52
C LEU B 251 -6.02 2.38 23.16
N LEU B 252 -5.45 3.58 22.99
CA LEU B 252 -5.74 4.47 21.84
C LEU B 252 -5.27 3.82 20.54
N LEU B 253 -4.05 3.26 20.54
CA LEU B 253 -3.41 2.61 19.36
C LEU B 253 -4.18 1.33 19.00
N GLY B 254 -4.71 0.63 20.02
CA GLY B 254 -5.54 -0.58 19.87
C GLY B 254 -6.92 -0.25 19.31
N LEU B 255 -7.46 0.92 19.66
CA LEU B 255 -8.81 1.39 19.23
C LEU B 255 -8.71 1.97 17.81
N LEU B 256 -7.63 2.71 17.51
CA LEU B 256 -7.50 3.50 16.26
C LEU B 256 -6.81 2.66 15.19
N GLN B 257 -7.46 1.57 14.77
CA GLN B 257 -6.94 0.58 13.79
C GLN B 257 -7.85 0.56 12.56
N ARG B 258 -7.40 1.12 11.43
CA ARG B 258 -8.25 1.34 10.20
C ARG B 258 -8.98 0.03 9.84
N ASN B 259 -8.36 -1.13 10.09
CA ASN B 259 -8.93 -2.46 9.78
C ASN B 259 -9.45 -3.11 11.07
N GLN B 260 -10.73 -3.53 11.07
CA GLN B 260 -11.48 -4.04 12.25
C GLN B 260 -10.87 -5.37 12.71
N LYS B 261 -10.47 -6.21 11.75
CA LYS B 261 -9.64 -7.42 11.95
C LYS B 261 -8.56 -7.14 13.02
N ASP B 262 -7.81 -6.04 12.85
CA ASP B 262 -6.62 -5.69 13.69
C ASP B 262 -7.07 -4.99 14.99
N ARG B 263 -8.25 -4.37 14.98
CA ARG B 263 -8.73 -3.44 16.04
C ARG B 263 -9.06 -4.24 17.31
N MET B 264 -8.62 -3.75 18.47
CA MET B 264 -8.95 -4.29 19.81
C MET B 264 -10.39 -4.79 19.80
N ASP B 265 -10.62 -5.98 20.35
CA ASP B 265 -11.98 -6.54 20.56
C ASP B 265 -12.54 -6.00 21.88
N PHE B 266 -13.83 -6.21 22.12
CA PHE B 266 -14.62 -5.56 23.19
C PHE B 266 -14.07 -5.95 24.57
N GLU B 267 -13.92 -7.26 24.82
CA GLU B 267 -13.55 -7.82 26.14
C GLU B 267 -12.18 -7.25 26.55
N ALA B 268 -11.27 -7.09 25.57
CA ALA B 268 -9.94 -6.45 25.74
C ALA B 268 -10.13 -4.99 26.20
N PHE B 269 -11.06 -4.28 25.57
CA PHE B 269 -11.41 -2.87 25.88
C PHE B 269 -12.06 -2.79 27.28
N PHE B 270 -13.11 -3.60 27.52
CA PHE B 270 -13.94 -3.57 28.75
C PHE B 270 -13.05 -3.74 29.99
N SER B 271 -11.97 -4.49 29.85
CA SER B 271 -11.11 -4.94 30.98
C SER B 271 -9.69 -4.40 30.81
N HIS B 272 -9.50 -3.44 29.92
CA HIS B 272 -8.19 -2.79 29.64
C HIS B 272 -7.63 -2.18 30.93
N PRO B 273 -6.30 -2.31 31.15
CA PRO B 273 -5.69 -1.85 32.41
C PRO B 273 -6.01 -0.39 32.76
N PHE B 274 -6.12 0.48 31.75
CA PHE B 274 -6.30 1.94 31.91
C PHE B 274 -7.55 2.22 32.77
N LEU B 275 -8.60 1.41 32.59
CA LEU B 275 -9.95 1.67 33.15
C LEU B 275 -9.96 1.40 34.66
N GLU B 276 -9.23 0.39 35.12
CA GLU B 276 -9.40 -0.23 36.48
C GLU B 276 -8.16 0.03 37.33
N GLN B 277 -7.62 1.25 37.24
CA GLN B 277 -6.50 1.76 38.09
C GLN B 277 -6.95 3.08 38.76
N GLY B 278 -5.99 3.88 39.23
CA GLY B 278 -6.20 5.29 39.67
C GLY B 278 -4.89 6.02 39.91
N SER C 4 38.79 -35.79 -36.03
CA SER C 4 37.40 -35.82 -36.57
C SER C 4 36.61 -34.61 -36.03
N MET C 5 36.97 -33.40 -36.48
CA MET C 5 36.10 -32.19 -36.43
C MET C 5 34.84 -32.46 -37.27
N GLU C 6 33.66 -32.12 -36.76
CA GLU C 6 32.38 -32.11 -37.52
C GLU C 6 32.33 -30.82 -38.34
N VAL C 7 31.73 -30.87 -39.52
CA VAL C 7 31.76 -29.77 -40.51
C VAL C 7 30.38 -29.17 -40.62
N VAL C 8 30.28 -27.84 -40.55
CA VAL C 8 29.01 -27.07 -40.67
C VAL C 8 29.25 -25.89 -41.60
N GLY C 9 28.81 -26.00 -42.86
CA GLY C 9 29.20 -25.09 -43.95
C GLY C 9 30.68 -24.80 -43.93
N ASP C 10 31.06 -23.53 -43.75
CA ASP C 10 32.47 -23.06 -43.79
C ASP C 10 33.10 -23.19 -42.41
N PHE C 11 32.36 -23.74 -41.43
CA PHE C 11 32.78 -23.82 -40.01
C PHE C 11 32.94 -25.28 -39.59
N GLU C 12 33.57 -25.50 -38.45
CA GLU C 12 33.86 -26.83 -37.89
C GLU C 12 33.96 -26.72 -36.36
N TYR C 13 33.69 -27.83 -35.67
CA TYR C 13 33.79 -27.94 -34.20
C TYR C 13 34.11 -29.39 -33.84
N SER C 14 34.84 -29.60 -32.75
CA SER C 14 34.93 -30.89 -32.03
C SER C 14 33.74 -31.01 -31.08
N LYS C 15 33.15 -32.20 -30.98
CA LYS C 15 32.07 -32.49 -30.01
C LYS C 15 32.66 -32.46 -28.59
N ARG C 16 33.98 -32.47 -28.48
CA ARG C 16 34.71 -32.37 -27.19
C ARG C 16 34.55 -30.96 -26.61
N ASP C 17 34.13 -29.98 -27.42
CA ASP C 17 34.14 -28.53 -27.06
C ASP C 17 32.68 -28.02 -26.90
N LEU C 18 31.80 -28.88 -26.36
CA LEU C 18 30.44 -28.50 -25.85
C LEU C 18 30.61 -27.46 -24.76
N VAL C 19 29.84 -26.36 -24.81
CA VAL C 19 29.97 -25.21 -23.86
C VAL C 19 28.65 -24.98 -23.11
N GLY C 20 27.54 -25.55 -23.58
CA GLY C 20 26.27 -25.53 -22.83
C GLY C 20 25.10 -26.05 -23.64
N HIS C 21 23.89 -25.98 -23.05
CA HIS C 21 22.61 -26.41 -23.66
C HIS C 21 21.69 -25.19 -23.85
N GLY C 22 20.84 -25.22 -24.87
CA GLY C 22 19.58 -24.47 -24.95
C GLY C 22 18.38 -25.41 -25.01
N ALA C 23 17.26 -24.93 -25.54
CA ALA C 23 16.01 -25.70 -25.74
C ALA C 23 16.20 -26.68 -26.91
N PHE C 24 16.17 -27.99 -26.62
CA PHE C 24 16.34 -29.08 -27.62
C PHE C 24 17.67 -28.89 -28.36
N ALA C 25 18.56 -28.06 -27.77
CA ALA C 25 19.78 -27.52 -28.42
C ALA C 25 21.01 -27.88 -27.59
N VAL C 26 22.13 -28.07 -28.27
CA VAL C 26 23.48 -28.12 -27.66
C VAL C 26 24.37 -27.11 -28.38
N VAL C 27 25.22 -26.41 -27.64
CA VAL C 27 26.13 -25.35 -28.17
C VAL C 27 27.57 -25.83 -28.03
N PHE C 28 28.32 -25.80 -29.13
CA PHE C 28 29.77 -26.08 -29.16
C PHE C 28 30.50 -24.79 -29.49
N ARG C 29 31.71 -24.61 -28.94
CA ARG C 29 32.70 -23.66 -29.50
C ARG C 29 33.25 -24.26 -30.79
N GLY C 30 33.37 -23.46 -31.82
CA GLY C 30 33.87 -23.87 -33.14
C GLY C 30 34.79 -22.82 -33.71
N ARG C 31 34.94 -22.81 -35.02
CA ARG C 31 35.84 -21.90 -35.76
C ARG C 31 35.55 -22.03 -37.24
N HIS C 32 35.87 -21.00 -38.01
CA HIS C 32 35.95 -21.06 -39.49
C HIS C 32 37.05 -22.05 -39.88
N ARG C 33 36.84 -22.79 -40.96
CA ARG C 33 37.71 -23.90 -41.39
C ARG C 33 39.04 -23.34 -41.91
N GLN C 34 39.04 -22.15 -42.55
CA GLN C 34 40.27 -21.46 -43.03
C GLN C 34 40.75 -20.47 -41.96
N LYS C 35 39.89 -19.53 -41.55
CA LYS C 35 40.21 -18.48 -40.54
C LYS C 35 39.95 -19.06 -39.14
N THR C 36 40.85 -19.91 -38.66
CA THR C 36 40.61 -20.80 -37.48
C THR C 36 40.75 -19.99 -36.19
N ASP C 37 41.34 -18.78 -36.26
CA ASP C 37 41.42 -17.83 -35.11
C ASP C 37 40.06 -17.13 -34.94
N TRP C 38 39.12 -17.33 -35.89
CA TRP C 38 37.72 -16.84 -35.79
C TRP C 38 36.85 -17.87 -35.06
N GLU C 39 36.68 -17.70 -33.76
CA GLU C 39 35.84 -18.59 -32.90
C GLU C 39 34.37 -18.28 -33.15
N VAL C 40 33.51 -19.30 -33.10
CA VAL C 40 32.03 -19.16 -33.25
C VAL C 40 31.36 -20.08 -32.25
N ALA C 41 30.09 -19.84 -31.96
CA ALA C 41 29.18 -20.78 -31.28
C ALA C 41 28.36 -21.51 -32.32
N ILE C 42 28.34 -22.83 -32.25
CA ILE C 42 27.52 -23.69 -33.15
C ILE C 42 26.40 -24.34 -32.33
N LYS C 43 25.17 -23.94 -32.59
CA LYS C 43 23.97 -24.38 -31.86
C LYS C 43 23.30 -25.50 -32.65
N SER C 44 23.49 -26.75 -32.24
CA SER C 44 22.88 -27.94 -32.85
C SER C 44 21.49 -28.16 -32.28
N ILE C 45 20.48 -28.31 -33.14
CA ILE C 45 19.06 -28.50 -32.75
C ILE C 45 18.52 -29.74 -33.45
N ASN C 46 18.06 -30.73 -32.70
CA ASN C 46 17.46 -31.96 -33.27
C ASN C 46 16.09 -31.61 -33.89
N LYS C 47 15.91 -31.93 -35.16
CA LYS C 47 14.71 -31.54 -35.97
C LYS C 47 13.48 -32.29 -35.47
N LYS C 48 13.59 -33.61 -35.26
CA LYS C 48 12.45 -34.46 -34.80
C LYS C 48 11.96 -33.95 -33.43
N ASN C 49 12.89 -33.60 -32.55
CA ASN C 49 12.61 -32.98 -31.22
C ASN C 49 11.86 -31.67 -31.43
N LEU C 50 12.41 -30.78 -32.27
CA LEU C 50 11.82 -29.46 -32.61
C LEU C 50 10.39 -29.65 -33.14
N SER C 51 10.19 -30.60 -34.06
CA SER C 51 8.91 -30.80 -34.80
C SER C 51 7.80 -31.24 -33.82
N LYS C 52 8.18 -31.75 -32.65
CA LYS C 52 7.25 -32.21 -31.58
C LYS C 52 7.08 -31.10 -30.54
N SER C 53 7.88 -30.04 -30.63
CA SER C 53 7.83 -28.83 -29.77
C SER C 53 6.95 -27.75 -30.43
N GLN C 54 6.81 -26.59 -29.77
CA GLN C 54 6.05 -25.43 -30.26
C GLN C 54 7.03 -24.28 -30.56
N ILE C 55 8.32 -24.59 -30.58
CA ILE C 55 9.42 -23.64 -30.93
C ILE C 55 9.28 -23.25 -32.39
N LEU C 56 9.29 -21.96 -32.67
CA LEU C 56 9.32 -21.39 -34.04
C LEU C 56 10.74 -20.93 -34.35
N LEU C 57 11.59 -21.86 -34.77
CA LEU C 57 13.02 -21.59 -35.08
C LEU C 57 13.12 -20.64 -36.27
N GLY C 58 12.25 -20.83 -37.27
CA GLY C 58 12.11 -19.93 -38.43
C GLY C 58 12.01 -18.49 -37.99
N LYS C 59 11.18 -18.22 -37.01
CA LYS C 59 10.95 -16.86 -36.46
C LYS C 59 12.26 -16.35 -35.84
N GLU C 60 12.91 -17.16 -35.02
CA GLU C 60 14.15 -16.77 -34.31
C GLU C 60 15.23 -16.40 -35.34
N ILE C 61 15.35 -17.19 -36.41
CA ILE C 61 16.32 -16.95 -37.52
C ILE C 61 15.95 -15.64 -38.21
N LYS C 62 14.66 -15.45 -38.50
CA LYS C 62 14.13 -14.23 -39.15
C LYS C 62 14.55 -13.01 -38.34
N ILE C 63 14.37 -13.06 -37.01
CA ILE C 63 14.61 -11.90 -36.11
C ILE C 63 16.11 -11.68 -35.99
N LEU C 64 16.87 -12.74 -35.75
CA LEU C 64 18.37 -12.68 -35.65
C LEU C 64 18.95 -12.02 -36.91
N LYS C 65 18.45 -12.40 -38.09
CA LYS C 65 18.94 -11.91 -39.41
C LYS C 65 18.67 -10.41 -39.52
N GLU C 66 17.52 -9.98 -39.01
CA GLU C 66 17.01 -8.58 -39.11
C GLU C 66 17.84 -7.66 -38.20
N LEU C 67 18.33 -8.21 -37.08
CA LEU C 67 19.10 -7.45 -36.06
C LEU C 67 20.58 -7.66 -36.29
N GLN C 68 21.29 -6.63 -36.68
CA GLN C 68 22.75 -6.61 -36.81
C GLN C 68 23.27 -5.45 -35.98
N HIS C 69 23.24 -5.60 -34.65
CA HIS C 69 23.79 -4.65 -33.67
C HIS C 69 24.90 -5.34 -32.88
N GLU C 70 25.85 -4.56 -32.32
CA GLU C 70 27.06 -5.05 -31.59
C GLU C 70 26.67 -5.49 -30.17
N ASN C 71 25.39 -5.31 -29.78
CA ASN C 71 24.86 -5.72 -28.46
C ASN C 71 23.72 -6.71 -28.68
N ILE C 72 23.64 -7.29 -29.87
CA ILE C 72 22.75 -8.43 -30.20
C ILE C 72 23.60 -9.54 -30.86
N VAL C 73 23.45 -10.76 -30.39
CA VAL C 73 24.34 -11.89 -30.73
C VAL C 73 24.20 -12.15 -32.23
N ALA C 74 25.32 -12.15 -32.95
CA ALA C 74 25.39 -12.27 -34.43
C ALA C 74 25.08 -13.71 -34.86
N LEU C 75 24.23 -13.86 -35.87
CA LEU C 75 24.02 -15.11 -36.64
C LEU C 75 24.81 -15.02 -37.94
N TYR C 76 25.69 -15.98 -38.19
CA TYR C 76 26.63 -15.97 -39.35
C TYR C 76 26.14 -16.92 -40.44
N ASP C 77 25.50 -18.03 -40.07
CA ASP C 77 25.13 -19.11 -41.02
C ASP C 77 24.07 -20.01 -40.41
N VAL C 78 23.23 -20.61 -41.25
CA VAL C 78 22.29 -21.70 -40.90
C VAL C 78 22.54 -22.88 -41.84
N GLN C 79 22.80 -24.07 -41.29
CA GLN C 79 22.95 -25.33 -42.06
C GLN C 79 21.89 -26.33 -41.60
N GLU C 80 21.24 -26.98 -42.57
CA GLU C 80 20.18 -27.98 -42.32
C GLU C 80 20.65 -29.35 -42.83
N LEU C 81 21.11 -30.21 -41.91
CA LEU C 81 21.30 -31.67 -42.15
C LEU C 81 19.95 -32.37 -42.06
N PRO C 82 19.87 -33.69 -42.37
CA PRO C 82 18.60 -34.43 -42.30
C PRO C 82 18.06 -34.51 -40.86
N ASN C 83 18.96 -34.67 -39.88
CA ASN C 83 18.62 -34.99 -38.46
C ASN C 83 18.68 -33.72 -37.59
N SER C 84 19.41 -32.67 -38.02
CA SER C 84 19.76 -31.48 -37.17
C SER C 84 19.71 -30.19 -38.00
N VAL C 85 19.33 -29.08 -37.38
CA VAL C 85 19.62 -27.68 -37.84
C VAL C 85 20.76 -27.13 -37.00
N PHE C 86 21.73 -26.48 -37.63
CA PHE C 86 22.87 -25.79 -36.97
C PHE C 86 22.76 -24.29 -37.17
N LEU C 87 22.94 -23.51 -36.11
CA LEU C 87 23.08 -22.04 -36.16
C LEU C 87 24.52 -21.67 -35.81
N VAL C 88 25.24 -21.05 -36.73
CA VAL C 88 26.62 -20.53 -36.49
C VAL C 88 26.51 -19.08 -36.04
N MET C 89 27.05 -18.77 -34.87
CA MET C 89 26.74 -17.53 -34.13
C MET C 89 27.99 -17.00 -33.44
N GLU C 90 27.99 -15.69 -33.17
CA GLU C 90 29.01 -15.00 -32.35
C GLU C 90 29.35 -15.87 -31.14
N TYR C 91 30.63 -16.12 -30.90
CA TYR C 91 31.15 -16.72 -29.64
C TYR C 91 31.26 -15.62 -28.59
N CYS C 92 30.69 -15.87 -27.44
CA CYS C 92 30.70 -14.94 -26.28
C CYS C 92 31.50 -15.58 -25.14
N ASN C 93 32.78 -15.24 -25.04
CA ASN C 93 33.80 -15.97 -24.26
C ASN C 93 33.56 -15.74 -22.76
N GLY C 94 32.47 -15.05 -22.39
CA GLY C 94 32.20 -14.57 -21.02
C GLY C 94 31.10 -15.36 -20.37
N GLY C 95 30.43 -16.23 -21.13
CA GLY C 95 29.22 -16.92 -20.70
C GLY C 95 28.07 -15.95 -20.55
N ASP C 96 27.13 -16.26 -19.66
CA ASP C 96 25.92 -15.42 -19.42
C ASP C 96 26.13 -14.62 -18.13
N LEU C 97 25.27 -13.62 -17.93
CA LEU C 97 25.24 -12.74 -16.74
C LEU C 97 25.08 -13.60 -15.47
N ALA C 98 24.28 -14.67 -15.55
CA ALA C 98 24.03 -15.61 -14.43
C ALA C 98 25.38 -16.09 -13.84
N ASP C 99 26.29 -16.57 -14.69
CA ASP C 99 27.65 -17.04 -14.29
C ASP C 99 28.42 -15.88 -13.66
N TYR C 100 28.34 -14.69 -14.26
CA TYR C 100 29.13 -13.48 -13.87
C TYR C 100 28.65 -13.00 -12.49
N LEU C 101 27.34 -13.09 -12.22
CA LEU C 101 26.74 -12.70 -10.93
C LEU C 101 27.08 -13.74 -9.86
N GLN C 102 27.08 -15.03 -10.21
CA GLN C 102 27.44 -16.17 -9.32
C GLN C 102 28.89 -15.99 -8.86
N ALA C 103 29.70 -15.30 -9.66
CA ALA C 103 31.13 -15.03 -9.42
C ALA C 103 31.31 -13.72 -8.64
N LYS C 104 30.81 -12.62 -9.19
CA LYS C 104 31.07 -11.23 -8.70
C LYS C 104 30.13 -10.92 -7.51
N GLY C 105 28.97 -11.57 -7.47
CA GLY C 105 27.94 -11.40 -6.42
C GLY C 105 26.96 -10.30 -6.75
N THR C 106 27.15 -9.14 -6.15
CA THR C 106 26.46 -7.88 -6.51
C THR C 106 27.43 -6.96 -7.24
N LEU C 107 26.89 -5.97 -7.94
CA LEU C 107 27.65 -5.05 -8.83
C LEU C 107 27.49 -3.62 -8.32
N SER C 108 28.52 -2.79 -8.52
CA SER C 108 28.49 -1.32 -8.30
C SER C 108 27.49 -0.67 -9.25
N GLU C 109 26.96 0.48 -8.89
CA GLU C 109 26.04 1.28 -9.74
C GLU C 109 26.78 1.72 -11.00
N ASP C 110 28.10 1.96 -10.90
CA ASP C 110 28.99 2.28 -12.04
C ASP C 110 28.98 1.11 -13.03
N THR C 111 29.16 -0.11 -12.53
CA THR C 111 29.15 -1.37 -13.32
C THR C 111 27.76 -1.55 -13.95
N ILE C 112 26.69 -1.42 -13.16
CA ILE C 112 25.29 -1.66 -13.60
C ILE C 112 24.94 -0.66 -14.72
N ARG C 113 25.47 0.56 -14.66
CA ARG C 113 25.25 1.64 -15.67
C ARG C 113 25.93 1.24 -17.00
N VAL C 114 27.18 0.78 -16.93
CA VAL C 114 27.98 0.33 -18.11
C VAL C 114 27.21 -0.79 -18.84
N PHE C 115 26.61 -1.71 -18.08
CA PHE C 115 25.87 -2.89 -18.59
C PHE C 115 24.55 -2.42 -19.19
N LEU C 116 23.84 -1.57 -18.46
CA LEU C 116 22.49 -1.09 -18.82
C LEU C 116 22.57 -0.22 -20.08
N HIS C 117 23.60 0.60 -20.21
CA HIS C 117 23.94 1.37 -21.43
C HIS C 117 23.87 0.46 -22.65
N GLN C 118 24.49 -0.71 -22.56
CA GLN C 118 24.62 -1.67 -23.68
C GLN C 118 23.29 -2.38 -23.90
N ILE C 119 22.57 -2.72 -22.82
CA ILE C 119 21.22 -3.36 -22.88
C ILE C 119 20.25 -2.38 -23.53
N ALA C 120 20.33 -1.10 -23.13
CA ALA C 120 19.53 0.00 -23.68
C ALA C 120 19.81 0.12 -25.20
N ALA C 121 21.08 0.11 -25.58
CA ALA C 121 21.55 0.17 -26.99
C ALA C 121 20.79 -0.87 -27.82
N ALA C 122 20.71 -2.11 -27.31
CA ALA C 122 20.06 -3.26 -27.98
C ALA C 122 18.55 -3.04 -27.98
N MET C 123 18.01 -2.57 -26.87
CA MET C 123 16.55 -2.31 -26.68
C MET C 123 16.07 -1.27 -27.71
N ARG C 124 16.87 -0.25 -27.98
CA ARG C 124 16.63 0.73 -29.07
C ARG C 124 16.26 -0.02 -30.35
N ILE C 125 17.09 -0.98 -30.74
CA ILE C 125 17.01 -1.64 -32.08
C ILE C 125 15.76 -2.50 -32.12
N LEU C 126 15.45 -3.20 -31.01
CA LEU C 126 14.22 -4.03 -30.88
C LEU C 126 12.99 -3.12 -31.00
N HIS C 127 12.96 -2.04 -30.22
CA HIS C 127 11.84 -1.07 -30.14
C HIS C 127 11.59 -0.47 -31.52
N SER C 128 12.66 -0.14 -32.24
CA SER C 128 12.60 0.63 -33.51
C SER C 128 12.22 -0.31 -34.68
N LYS C 129 12.37 -1.63 -34.49
CA LYS C 129 11.90 -2.68 -35.44
C LYS C 129 10.61 -3.31 -34.93
N GLY C 130 10.11 -2.83 -33.78
CA GLY C 130 8.85 -3.30 -33.17
C GLY C 130 8.91 -4.75 -32.73
N ILE C 131 10.08 -5.19 -32.25
CA ILE C 131 10.32 -6.55 -31.68
C ILE C 131 10.29 -6.47 -30.16
N ILE C 132 9.51 -7.32 -29.53
CA ILE C 132 9.53 -7.56 -28.05
C ILE C 132 10.24 -8.89 -27.79
N HIS C 133 11.30 -8.88 -26.98
CA HIS C 133 12.07 -10.09 -26.60
C HIS C 133 11.21 -11.02 -25.74
N ARG C 134 10.79 -10.56 -24.54
CA ARG C 134 9.71 -11.16 -23.70
C ARG C 134 10.26 -12.23 -22.76
N ASP C 135 11.51 -12.65 -22.98
CA ASP C 135 12.18 -13.67 -22.15
C ASP C 135 13.60 -13.20 -21.83
N LEU C 136 13.80 -11.88 -21.75
CA LEU C 136 15.02 -11.27 -21.15
C LEU C 136 15.22 -11.81 -19.74
N LYS C 137 16.46 -12.17 -19.41
CA LYS C 137 16.91 -12.67 -18.08
C LYS C 137 18.42 -12.84 -18.11
N PRO C 138 19.09 -13.10 -16.96
CA PRO C 138 20.56 -13.19 -16.92
C PRO C 138 21.13 -14.35 -17.76
N GLN C 139 20.32 -15.38 -18.01
CA GLN C 139 20.72 -16.59 -18.79
C GLN C 139 20.78 -16.24 -20.29
N ASN C 140 20.15 -15.12 -20.69
CA ASN C 140 19.95 -14.70 -22.11
C ASN C 140 20.93 -13.58 -22.46
N ILE C 141 21.56 -13.00 -21.44
CA ILE C 141 22.45 -11.81 -21.58
C ILE C 141 23.90 -12.29 -21.51
N LEU C 142 24.54 -12.40 -22.67
CA LEU C 142 25.87 -13.03 -22.84
C LEU C 142 26.95 -11.96 -22.70
N LEU C 143 28.17 -12.37 -22.41
CA LEU C 143 29.32 -11.47 -22.16
C LEU C 143 30.45 -11.83 -23.11
N SER C 144 31.18 -10.83 -23.58
CA SER C 144 32.34 -10.96 -24.49
C SER C 144 33.45 -10.01 -24.03
N TYR C 145 34.58 -10.57 -23.58
CA TYR C 145 35.77 -9.83 -23.08
C TYR C 145 36.67 -9.48 -24.27
N ALA C 146 37.11 -8.21 -24.36
CA ALA C 146 38.15 -7.72 -25.29
C ALA C 146 39.53 -8.14 -24.76
N SER C 154 35.15 -2.08 -18.37
CA SER C 154 34.95 -1.34 -19.65
C SER C 154 35.24 -2.26 -20.84
N GLY C 155 35.98 -3.36 -20.61
CA GLY C 155 36.40 -4.33 -21.64
C GLY C 155 35.38 -5.45 -21.83
N ILE C 156 34.22 -5.36 -21.15
CA ILE C 156 33.14 -6.39 -21.16
C ILE C 156 31.99 -5.89 -22.05
N ARG C 157 31.74 -6.57 -23.16
CA ARG C 157 30.66 -6.20 -24.11
C ARG C 157 29.49 -7.18 -23.94
N ILE C 158 28.27 -6.64 -23.94
CA ILE C 158 27.00 -7.39 -23.67
C ILE C 158 26.32 -7.68 -25.01
N LYS C 159 25.82 -8.90 -25.17
CA LYS C 159 25.02 -9.34 -26.33
C LYS C 159 23.74 -10.01 -25.83
N ILE C 160 22.60 -9.51 -26.23
CA ILE C 160 21.28 -10.17 -26.00
C ILE C 160 21.21 -11.39 -26.91
N ALA C 161 20.66 -12.49 -26.40
CA ALA C 161 20.46 -13.74 -27.16
C ALA C 161 19.07 -14.27 -26.92
N ASP C 162 18.73 -15.38 -27.60
CA ASP C 162 17.53 -16.22 -27.35
C ASP C 162 16.28 -15.43 -27.69
N PHE C 163 15.90 -15.40 -28.95
CA PHE C 163 14.67 -14.76 -29.45
C PHE C 163 13.60 -15.83 -29.66
N GLY C 164 13.73 -16.95 -28.95
CA GLY C 164 12.72 -18.02 -28.89
C GLY C 164 11.34 -17.47 -28.68
N PHE C 165 11.19 -16.52 -27.76
CA PHE C 165 9.88 -16.04 -27.23
C PHE C 165 9.56 -14.67 -27.82
N ALA C 166 10.50 -14.09 -28.57
CA ALA C 166 10.37 -12.77 -29.24
C ALA C 166 9.14 -12.78 -30.15
N ARG C 167 8.55 -11.62 -30.37
CA ARG C 167 7.41 -11.45 -31.32
C ARG C 167 7.41 -10.02 -31.86
N TYR C 168 6.92 -9.86 -33.09
CA TYR C 168 6.73 -8.58 -33.78
C TYR C 168 5.44 -7.93 -33.29
N LEU C 169 5.46 -6.62 -33.05
CA LEU C 169 4.25 -5.75 -32.86
C LEU C 169 3.63 -5.48 -34.23
N HIS C 170 2.34 -5.75 -34.39
CA HIS C 170 1.61 -5.62 -35.67
C HIS C 170 1.04 -4.21 -35.80
N SER C 171 1.87 -3.25 -36.26
CA SER C 171 1.46 -1.92 -36.78
C SER C 171 1.23 -2.01 -38.30
N PRO C 182 -10.94 -6.23 -40.46
CA PRO C 182 -10.78 -7.33 -39.50
C PRO C 182 -12.04 -7.55 -38.64
N MET C 183 -13.20 -7.51 -39.27
CA MET C 183 -14.55 -7.68 -38.64
C MET C 183 -14.59 -9.02 -37.91
N TYR C 184 -13.98 -10.06 -38.50
CA TYR C 184 -14.15 -11.48 -38.12
C TYR C 184 -13.19 -11.80 -36.97
N MET C 185 -12.26 -10.90 -36.71
CA MET C 185 -11.21 -11.09 -35.67
C MET C 185 -11.84 -10.91 -34.28
N ALA C 186 -11.54 -11.85 -33.37
CA ALA C 186 -12.02 -11.86 -31.98
C ALA C 186 -11.64 -10.56 -31.28
N PRO C 187 -12.56 -9.98 -30.48
CA PRO C 187 -12.33 -8.70 -29.83
C PRO C 187 -11.11 -8.71 -28.89
N GLU C 188 -10.89 -9.81 -28.15
CA GLU C 188 -9.78 -9.93 -27.17
C GLU C 188 -8.44 -9.80 -27.91
N VAL C 189 -8.39 -10.26 -29.17
CA VAL C 189 -7.16 -10.23 -30.05
C VAL C 189 -6.97 -8.79 -30.55
N ILE C 190 -8.03 -8.17 -31.05
CA ILE C 190 -8.02 -6.77 -31.57
C ILE C 190 -7.46 -5.85 -30.47
N MET C 191 -7.93 -6.02 -29.24
CA MET C 191 -7.78 -5.04 -28.14
C MET C 191 -6.42 -5.24 -27.47
N SER C 192 -5.94 -6.49 -27.44
CA SER C 192 -4.70 -6.91 -26.73
C SER C 192 -3.46 -6.67 -27.62
N GLN C 193 -3.65 -6.15 -28.83
CA GLN C 193 -2.59 -5.52 -29.66
C GLN C 193 -1.78 -4.58 -28.75
N HIS C 194 -0.45 -4.74 -28.71
CA HIS C 194 0.51 -3.81 -28.02
C HIS C 194 0.51 -4.05 -26.50
N TYR C 195 -0.22 -5.07 -26.00
CA TYR C 195 -0.49 -5.26 -24.55
C TYR C 195 0.82 -5.55 -23.80
N ASP C 196 1.79 -6.20 -24.48
CA ASP C 196 3.09 -6.64 -23.90
C ASP C 196 4.21 -5.76 -24.44
N ALA C 197 3.86 -4.60 -25.02
CA ALA C 197 4.80 -3.65 -25.65
C ALA C 197 5.90 -3.27 -24.67
N LYS C 198 5.67 -3.45 -23.36
CA LYS C 198 6.54 -2.91 -22.27
C LYS C 198 7.14 -4.05 -21.45
N ALA C 199 6.93 -5.31 -21.88
CA ALA C 199 7.33 -6.54 -21.14
C ALA C 199 8.84 -6.52 -20.86
N ASP C 200 9.63 -6.04 -21.81
CA ASP C 200 11.12 -6.04 -21.74
C ASP C 200 11.57 -5.09 -20.63
N LEU C 201 10.86 -3.99 -20.43
CA LEU C 201 11.24 -2.94 -19.45
C LEU C 201 11.13 -3.50 -18.01
N TRP C 202 10.11 -4.31 -17.73
CA TRP C 202 9.99 -5.08 -16.47
C TRP C 202 11.22 -5.98 -16.32
N SER C 203 11.46 -6.88 -17.28
CA SER C 203 12.56 -7.86 -17.27
C SER C 203 13.88 -7.14 -16.94
N ILE C 204 14.20 -6.09 -17.67
CA ILE C 204 15.43 -5.29 -17.48
C ILE C 204 15.45 -4.78 -16.04
N GLY C 205 14.27 -4.54 -15.46
CA GLY C 205 14.09 -4.15 -14.06
C GLY C 205 14.56 -5.22 -13.10
N THR C 206 13.95 -6.41 -13.18
CA THR C 206 14.31 -7.60 -12.35
C THR C 206 15.82 -7.85 -12.45
N VAL C 207 16.39 -7.67 -13.64
CA VAL C 207 17.82 -8.00 -13.93
C VAL C 207 18.71 -7.00 -13.20
N ILE C 208 18.48 -5.70 -13.42
CA ILE C 208 19.20 -4.60 -12.71
C ILE C 208 19.11 -4.86 -11.20
N TYR C 209 17.88 -5.10 -10.71
CA TYR C 209 17.60 -5.38 -9.29
C TYR C 209 18.55 -6.46 -8.80
N GLN C 210 18.56 -7.61 -9.47
CA GLN C 210 19.35 -8.79 -9.05
C GLN C 210 20.83 -8.40 -9.02
N CYS C 211 21.28 -7.65 -10.02
CA CYS C 211 22.68 -7.16 -10.13
C CYS C 211 23.05 -6.38 -8.87
N LEU C 212 22.09 -5.64 -8.32
CA LEU C 212 22.29 -4.63 -7.24
C LEU C 212 22.13 -5.29 -5.88
N VAL C 213 21.02 -6.01 -5.68
CA VAL C 213 20.58 -6.56 -4.38
C VAL C 213 21.19 -7.96 -4.20
N GLY C 214 21.27 -8.73 -5.29
CA GLY C 214 21.94 -10.06 -5.31
C GLY C 214 20.93 -11.17 -5.44
N LYS C 215 19.66 -10.83 -5.63
CA LYS C 215 18.56 -11.80 -5.88
C LYS C 215 17.46 -11.11 -6.65
N PRO C 216 16.57 -11.86 -7.31
CA PRO C 216 15.44 -11.25 -8.02
C PRO C 216 14.52 -10.50 -7.07
N PRO C 217 13.72 -9.55 -7.55
CA PRO C 217 12.86 -8.76 -6.67
C PRO C 217 11.69 -9.58 -6.11
N PHE C 218 11.21 -10.55 -6.89
CA PHE C 218 10.04 -11.42 -6.55
C PHE C 218 10.36 -12.88 -6.89
N GLN C 219 10.13 -13.79 -5.94
CA GLN C 219 10.35 -15.25 -6.09
C GLN C 219 9.13 -16.02 -5.58
N ALA C 220 8.77 -17.11 -6.28
CA ALA C 220 7.80 -18.13 -5.84
C ALA C 220 8.51 -19.47 -5.68
N ASN C 221 7.76 -20.57 -5.48
CA ASN C 221 8.28 -21.95 -5.47
C ASN C 221 8.04 -22.60 -6.84
N SER C 222 7.34 -21.91 -7.74
CA SER C 222 6.93 -22.43 -9.09
C SER C 222 6.43 -21.30 -9.97
N PRO C 223 6.17 -21.57 -11.27
CA PRO C 223 5.48 -20.61 -12.15
C PRO C 223 4.09 -20.17 -11.63
N GLN C 224 3.29 -21.13 -11.12
CA GLN C 224 1.84 -20.88 -10.83
C GLN C 224 1.69 -20.08 -9.54
N ASP C 225 2.53 -20.34 -8.52
CA ASP C 225 2.64 -19.50 -7.30
C ASP C 225 2.79 -18.03 -7.73
N LEU C 226 3.75 -17.75 -8.62
CA LEU C 226 4.10 -16.39 -9.09
C LEU C 226 2.96 -15.84 -9.98
N ARG C 227 2.33 -16.69 -10.79
CA ARG C 227 1.13 -16.34 -11.59
C ARG C 227 0.08 -15.74 -10.65
N MET C 228 -0.23 -16.45 -9.56
CA MET C 228 -1.32 -16.09 -8.59
C MET C 228 -0.88 -14.90 -7.73
N PHE C 229 0.44 -14.76 -7.49
CA PHE C 229 1.05 -13.65 -6.69
C PHE C 229 0.84 -12.31 -7.44
N TYR C 230 1.35 -12.23 -8.66
CA TYR C 230 1.19 -11.07 -9.57
C TYR C 230 -0.31 -10.82 -9.82
N GLU C 231 -1.09 -11.90 -9.88
CA GLU C 231 -2.54 -11.88 -10.20
C GLU C 231 -3.29 -11.12 -9.09
N LYS C 232 -3.13 -11.53 -7.83
CA LYS C 232 -3.85 -10.93 -6.67
C LYS C 232 -3.06 -9.75 -6.13
N ASN C 233 -1.80 -9.97 -5.71
CA ASN C 233 -0.90 -8.93 -5.14
C ASN C 233 -0.47 -7.97 -6.27
N ARG C 234 -1.25 -6.90 -6.48
CA ARG C 234 -1.08 -5.96 -7.62
C ARG C 234 -0.53 -4.62 -7.12
N SER C 235 0.27 -3.95 -7.95
CA SER C 235 0.94 -2.65 -7.67
C SER C 235 1.72 -2.73 -6.35
N LEU C 236 2.68 -3.67 -6.26
CA LEU C 236 3.61 -3.81 -5.10
C LEU C 236 5.05 -3.55 -5.56
N MET C 237 5.83 -2.88 -4.70
CA MET C 237 7.22 -2.44 -4.98
C MET C 237 8.19 -3.23 -4.11
N PRO C 238 9.47 -3.35 -4.51
CA PRO C 238 10.41 -4.24 -3.83
C PRO C 238 11.37 -3.52 -2.89
N SER C 239 12.06 -4.28 -2.04
CA SER C 239 13.07 -3.78 -1.06
C SER C 239 14.23 -3.11 -1.81
N ILE C 240 14.22 -1.78 -1.92
CA ILE C 240 15.35 -0.95 -2.42
C ILE C 240 16.27 -0.61 -1.23
N PRO C 241 17.49 -1.18 -1.16
CA PRO C 241 18.43 -0.85 -0.08
C PRO C 241 18.64 0.67 0.08
N ARG C 242 18.88 1.11 1.34
CA ARG C 242 19.05 2.54 1.73
C ARG C 242 20.27 3.14 1.00
N GLU C 243 21.26 2.31 0.67
CA GLU C 243 22.54 2.70 0.01
C GLU C 243 22.26 3.20 -1.42
N THR C 244 21.25 2.63 -2.08
CA THR C 244 20.88 2.89 -3.50
C THR C 244 20.87 4.39 -3.77
N SER C 245 21.46 4.81 -4.89
CA SER C 245 21.39 6.21 -5.40
C SER C 245 19.97 6.53 -5.84
N PRO C 246 19.54 7.81 -5.79
CA PRO C 246 18.16 8.17 -6.04
C PRO C 246 17.74 7.81 -7.46
N TYR C 247 18.57 8.21 -8.45
CA TYR C 247 18.38 7.92 -9.89
C TYR C 247 18.06 6.43 -10.07
N LEU C 248 18.91 5.54 -9.55
CA LEU C 248 18.82 4.08 -9.75
C LEU C 248 17.53 3.55 -9.09
N ALA C 249 17.18 4.09 -7.92
CA ALA C 249 15.95 3.76 -7.18
C ALA C 249 14.72 4.20 -8.00
N ASN C 250 14.78 5.40 -8.56
CA ASN C 250 13.74 5.97 -9.47
C ASN C 250 13.53 5.01 -10.64
N LEU C 251 14.60 4.74 -11.38
CA LEU C 251 14.61 3.82 -12.57
C LEU C 251 13.91 2.51 -12.20
N LEU C 252 14.33 1.88 -11.09
CA LEU C 252 13.90 0.51 -10.69
C LEU C 252 12.40 0.51 -10.38
N LEU C 253 11.94 1.51 -9.61
CA LEU C 253 10.52 1.67 -9.19
C LEU C 253 9.65 1.96 -10.42
N GLY C 254 10.19 2.70 -11.39
CA GLY C 254 9.52 3.01 -12.67
C GLY C 254 9.44 1.79 -13.58
N LEU C 255 10.44 0.92 -13.55
CA LEU C 255 10.52 -0.32 -14.37
C LEU C 255 9.65 -1.41 -13.73
N LEU C 256 9.67 -1.50 -12.40
CA LEU C 256 9.06 -2.63 -11.64
C LEU C 256 7.64 -2.24 -11.26
N GLN C 257 6.78 -2.04 -12.25
CA GLN C 257 5.37 -1.63 -12.11
C GLN C 257 4.47 -2.75 -12.63
N ARG C 258 3.79 -3.47 -11.74
CA ARG C 258 2.99 -4.67 -12.05
C ARG C 258 2.10 -4.40 -13.26
N ASN C 259 1.58 -3.17 -13.37
CA ASN C 259 0.65 -2.75 -14.46
C ASN C 259 1.41 -1.90 -15.48
N GLN C 260 1.36 -2.29 -16.76
CA GLN C 260 2.17 -1.72 -17.88
C GLN C 260 1.74 -0.28 -18.16
N LYS C 261 0.43 -0.01 -18.05
CA LYS C 261 -0.16 1.35 -18.03
C LYS C 261 0.72 2.30 -17.19
N ASP C 262 1.09 1.88 -15.97
CA ASP C 262 1.80 2.70 -14.96
C ASP C 262 3.31 2.65 -15.21
N ARG C 263 3.79 1.62 -15.91
CA ARG C 263 5.23 1.32 -16.05
C ARG C 263 5.89 2.34 -16.99
N MET C 264 7.05 2.86 -16.59
CA MET C 264 7.94 3.70 -17.44
C MET C 264 7.84 3.25 -18.91
N ASP C 265 7.70 4.20 -19.82
CA ASP C 265 7.74 3.96 -21.30
C ASP C 265 9.21 3.96 -21.74
N PHE C 266 9.47 3.55 -23.00
CA PHE C 266 10.83 3.32 -23.56
C PHE C 266 11.65 4.62 -23.52
N GLU C 267 11.10 5.70 -24.10
CA GLU C 267 11.83 6.99 -24.28
C GLU C 267 12.26 7.52 -22.92
N ALA C 268 11.40 7.35 -21.90
CA ALA C 268 11.68 7.71 -20.49
C ALA C 268 12.89 6.90 -19.99
N PHE C 269 12.93 5.61 -20.32
CA PHE C 269 14.01 4.66 -19.94
C PHE C 269 15.30 5.04 -20.68
N PHE C 270 15.22 5.17 -22.02
CA PHE C 270 16.39 5.38 -22.92
C PHE C 270 17.15 6.64 -22.48
N SER C 271 16.46 7.62 -21.91
CA SER C 271 16.99 8.97 -21.61
C SER C 271 16.93 9.24 -20.10
N HIS C 272 16.68 8.20 -19.29
CA HIS C 272 16.62 8.30 -17.81
C HIS C 272 17.94 8.83 -17.28
N PRO C 273 17.93 9.72 -16.27
CA PRO C 273 19.15 10.35 -15.77
C PRO C 273 20.29 9.36 -15.42
N PHE C 274 19.93 8.20 -14.88
CA PHE C 274 20.89 7.19 -14.37
C PHE C 274 21.87 6.79 -15.48
N LEU C 275 21.38 6.69 -16.72
CA LEU C 275 22.11 6.09 -17.87
C LEU C 275 23.23 7.02 -18.34
N GLU C 276 22.99 8.34 -18.31
CA GLU C 276 23.77 9.33 -19.10
C GLU C 276 24.54 10.25 -18.14
N GLN C 277 25.04 9.70 -17.04
CA GLN C 277 25.85 10.44 -16.02
C GLN C 277 27.21 9.73 -15.86
N MET D 5 -31.98 23.14 9.42
CA MET D 5 -31.35 23.85 8.25
C MET D 5 -30.78 25.20 8.72
N GLU D 6 -29.52 25.49 8.36
CA GLU D 6 -28.89 26.83 8.49
C GLU D 6 -29.35 27.69 7.31
N VAL D 7 -29.45 28.99 7.50
CA VAL D 7 -30.03 29.94 6.52
C VAL D 7 -28.91 30.81 5.98
N VAL D 8 -28.86 30.97 4.66
CA VAL D 8 -27.88 31.83 3.93
C VAL D 8 -28.63 32.65 2.90
N GLY D 9 -28.91 33.92 3.21
CA GLY D 9 -29.84 34.77 2.45
C GLY D 9 -31.11 34.02 2.13
N ASP D 10 -31.41 33.86 0.84
CA ASP D 10 -32.67 33.22 0.36
C ASP D 10 -32.50 31.70 0.28
N PHE D 11 -31.33 31.19 0.71
CA PHE D 11 -30.95 29.76 0.58
C PHE D 11 -30.80 29.14 1.96
N GLU D 12 -30.72 27.82 2.01
CA GLU D 12 -30.58 27.04 3.26
C GLU D 12 -29.85 25.73 2.93
N TYR D 13 -29.18 25.16 3.91
CA TYR D 13 -28.49 23.86 3.82
C TYR D 13 -28.50 23.17 5.18
N SER D 14 -28.51 21.84 5.21
CA SER D 14 -28.14 21.00 6.37
C SER D 14 -26.63 20.82 6.41
N LYS D 15 -26.04 20.91 7.59
CA LYS D 15 -24.60 20.63 7.81
C LYS D 15 -24.35 19.12 7.60
N ARG D 16 -25.43 18.33 7.56
CA ARG D 16 -25.39 16.87 7.27
C ARG D 16 -24.92 16.64 5.82
N ASP D 17 -25.07 17.65 4.94
CA ASP D 17 -24.97 17.49 3.47
C ASP D 17 -23.69 18.18 2.95
N LEU D 18 -22.62 18.10 3.75
CA LEU D 18 -21.21 18.39 3.35
C LEU D 18 -20.85 17.53 2.15
N VAL D 19 -20.29 18.13 1.09
CA VAL D 19 -19.98 17.42 -0.19
C VAL D 19 -18.48 17.53 -0.50
N GLY D 20 -17.77 18.46 0.13
CA GLY D 20 -16.30 18.50 0.05
C GLY D 20 -15.67 19.65 0.80
N HIS D 21 -14.33 19.70 0.77
CA HIS D 21 -13.46 20.76 1.35
C HIS D 21 -12.81 21.58 0.22
N GLY D 22 -12.57 22.86 0.45
CA GLY D 22 -11.51 23.64 -0.21
C GLY D 22 -10.53 24.20 0.81
N ALA D 23 -9.82 25.27 0.47
CA ALA D 23 -8.86 25.97 1.35
C ALA D 23 -9.64 26.78 2.39
N PHE D 24 -9.54 26.39 3.68
CA PHE D 24 -10.22 27.06 4.82
C PHE D 24 -11.74 27.09 4.55
N ALA D 25 -12.19 26.24 3.61
CA ALA D 25 -13.55 26.25 3.03
C ALA D 25 -14.18 24.87 3.23
N VAL D 26 -15.49 24.83 3.45
CA VAL D 26 -16.32 23.60 3.38
C VAL D 26 -17.50 23.88 2.45
N VAL D 27 -17.89 22.91 1.63
CA VAL D 27 -18.99 23.03 0.65
C VAL D 27 -20.13 22.10 1.05
N PHE D 28 -21.34 22.62 1.13
CA PHE D 28 -22.58 21.87 1.40
C PHE D 28 -23.46 21.92 0.16
N ARG D 29 -24.22 20.85 -0.10
CA ARG D 29 -25.43 20.91 -0.95
C ARG D 29 -26.50 21.69 -0.20
N GLY D 30 -27.19 22.58 -0.89
CA GLY D 30 -28.25 23.43 -0.33
C GLY D 30 -29.41 23.55 -1.29
N ARG D 31 -30.21 24.60 -1.14
CA ARG D 31 -31.42 24.85 -1.95
C ARG D 31 -31.96 26.22 -1.61
N HIS D 32 -32.70 26.83 -2.53
CA HIS D 32 -33.54 28.03 -2.29
C HIS D 32 -34.62 27.67 -1.27
N ARG D 33 -34.96 28.59 -0.39
CA ARG D 33 -35.87 28.36 0.76
C ARG D 33 -37.30 28.23 0.26
N GLN D 34 -37.68 28.94 -0.83
CA GLN D 34 -39.03 28.84 -1.46
C GLN D 34 -38.97 27.80 -2.61
N LYS D 35 -38.06 28.00 -3.58
CA LYS D 35 -37.89 27.10 -4.75
C LYS D 35 -36.94 25.97 -4.37
N THR D 36 -37.42 24.99 -3.60
CA THR D 36 -36.58 23.98 -2.89
C THR D 36 -36.11 22.90 -3.87
N ASP D 37 -36.69 22.85 -5.08
CA ASP D 37 -36.21 21.99 -6.21
C ASP D 37 -34.93 22.59 -6.79
N TRP D 38 -34.59 23.85 -6.45
CA TRP D 38 -33.37 24.56 -6.94
C TRP D 38 -32.21 24.28 -6.00
N GLU D 39 -31.38 23.28 -6.32
CA GLU D 39 -30.16 22.90 -5.58
C GLU D 39 -29.06 23.92 -5.83
N VAL D 40 -28.24 24.20 -4.81
CA VAL D 40 -27.06 25.10 -4.90
C VAL D 40 -25.92 24.49 -4.08
N ALA D 41 -24.69 24.92 -4.35
CA ALA D 41 -23.51 24.65 -3.51
C ALA D 41 -23.25 25.86 -2.63
N ILE D 42 -23.12 25.65 -1.34
CA ILE D 42 -22.84 26.72 -0.35
C ILE D 42 -21.43 26.51 0.22
N LYS D 43 -20.51 27.41 -0.12
CA LYS D 43 -19.10 27.37 0.28
C LYS D 43 -18.92 28.22 1.53
N SER D 44 -18.83 27.59 2.69
CA SER D 44 -18.62 28.24 4.00
C SER D 44 -17.13 28.45 4.22
N ILE D 45 -16.72 29.68 4.53
CA ILE D 45 -15.30 30.06 4.76
C ILE D 45 -15.19 30.71 6.12
N ASN D 46 -14.47 30.08 7.04
CA ASN D 46 -14.24 30.64 8.39
C ASN D 46 -13.36 31.87 8.25
N LYS D 47 -13.81 33.01 8.76
CA LYS D 47 -13.18 34.35 8.55
C LYS D 47 -11.82 34.39 9.27
N LYS D 48 -11.76 33.95 10.52
CA LYS D 48 -10.53 33.96 11.34
C LYS D 48 -9.46 33.08 10.67
N ASN D 49 -9.86 31.92 10.16
CA ASN D 49 -9.01 31.00 9.35
C ASN D 49 -8.49 31.73 8.12
N LEU D 50 -9.40 32.33 7.34
CA LEU D 50 -9.12 33.09 6.10
C LEU D 50 -8.10 34.20 6.40
N SER D 51 -8.32 34.96 7.49
CA SER D 51 -7.54 36.17 7.84
C SER D 51 -6.10 35.79 8.16
N LYS D 52 -5.86 34.52 8.49
CA LYS D 52 -4.51 33.96 8.84
C LYS D 52 -3.92 33.27 7.60
N SER D 53 -4.71 33.13 6.53
CA SER D 53 -4.28 32.57 5.22
C SER D 53 -3.86 33.71 4.29
N GLN D 54 -3.45 33.36 3.05
CA GLN D 54 -3.07 34.32 1.99
C GLN D 54 -4.10 34.23 0.86
N ILE D 55 -5.25 33.62 1.13
CA ILE D 55 -6.43 33.59 0.22
C ILE D 55 -6.96 35.02 0.05
N LEU D 56 -7.12 35.45 -1.19
CA LEU D 56 -7.75 36.75 -1.54
C LEU D 56 -9.19 36.50 -2.00
N LEU D 57 -10.11 36.37 -1.06
CA LEU D 57 -11.51 35.99 -1.34
C LEU D 57 -12.20 37.11 -2.13
N GLY D 58 -11.91 38.37 -1.78
CA GLY D 58 -12.38 39.56 -2.53
C GLY D 58 -12.12 39.41 -4.02
N LYS D 59 -10.90 38.98 -4.38
CA LYS D 59 -10.47 38.77 -5.77
C LYS D 59 -11.33 37.67 -6.40
N GLU D 60 -11.50 36.54 -5.70
CA GLU D 60 -12.24 35.38 -6.22
C GLU D 60 -13.69 35.78 -6.51
N ILE D 61 -14.30 36.56 -5.62
CA ILE D 61 -15.70 37.05 -5.78
C ILE D 61 -15.73 38.01 -6.98
N LYS D 62 -14.76 38.91 -7.06
CA LYS D 62 -14.62 39.88 -8.18
C LYS D 62 -14.60 39.12 -9.51
N ILE D 63 -13.81 38.06 -9.60
CA ILE D 63 -13.60 37.29 -10.86
C ILE D 63 -14.85 36.47 -11.16
N LEU D 64 -15.39 35.77 -10.18
CA LEU D 64 -16.63 34.97 -10.32
C LEU D 64 -17.76 35.85 -10.84
N LYS D 65 -17.90 37.07 -10.29
CA LYS D 65 -18.97 38.03 -10.64
C LYS D 65 -18.83 38.42 -12.10
N GLU D 66 -17.59 38.61 -12.55
CA GLU D 66 -17.22 39.13 -13.88
C GLU D 66 -17.50 38.07 -14.96
N LEU D 67 -17.38 36.79 -14.59
CA LEU D 67 -17.59 35.64 -15.50
C LEU D 67 -19.01 35.12 -15.33
N GLN D 68 -19.85 35.28 -16.34
CA GLN D 68 -21.13 34.55 -16.46
C GLN D 68 -21.08 33.76 -17.77
N HIS D 69 -20.38 32.63 -17.75
CA HIS D 69 -20.38 31.61 -18.82
C HIS D 69 -20.99 30.30 -18.30
N GLU D 70 -21.56 29.49 -19.19
CA GLU D 70 -22.27 28.22 -18.86
C GLU D 70 -21.26 27.09 -18.58
N ASN D 71 -19.96 27.39 -18.71
CA ASN D 71 -18.86 26.43 -18.43
C ASN D 71 -17.95 27.03 -17.36
N ILE D 72 -18.42 28.07 -16.67
CA ILE D 72 -17.78 28.63 -15.45
C ILE D 72 -18.81 28.65 -14.33
N VAL D 73 -18.43 28.14 -13.17
CA VAL D 73 -19.35 27.86 -12.04
C VAL D 73 -20.01 29.18 -11.61
N ALA D 74 -21.35 29.21 -11.59
CA ALA D 74 -22.19 30.42 -11.32
C ALA D 74 -22.10 30.76 -9.83
N LEU D 75 -21.89 32.04 -9.52
CA LEU D 75 -22.04 32.63 -8.17
C LEU D 75 -23.39 33.33 -8.10
N TYR D 76 -24.24 32.96 -7.15
CA TYR D 76 -25.63 33.48 -7.02
C TYR D 76 -25.70 34.57 -5.94
N ASP D 77 -24.91 34.43 -4.88
CA ASP D 77 -25.04 35.27 -3.66
C ASP D 77 -23.76 35.16 -2.84
N VAL D 78 -23.45 36.21 -2.08
CA VAL D 78 -22.45 36.23 -0.98
C VAL D 78 -23.14 36.73 0.30
N GLN D 79 -23.03 35.98 1.39
CA GLN D 79 -23.49 36.40 2.74
C GLN D 79 -22.29 36.41 3.69
N GLU D 80 -22.15 37.46 4.48
CA GLU D 80 -21.10 37.62 5.51
C GLU D 80 -21.76 37.62 6.90
N LEU D 81 -21.71 36.47 7.59
CA LEU D 81 -22.01 36.34 9.04
C LEU D 81 -20.79 36.78 9.85
N PRO D 82 -20.88 36.87 11.19
CA PRO D 82 -19.76 37.31 12.02
C PRO D 82 -18.57 36.35 11.94
N ASN D 83 -18.85 35.04 11.87
CA ASN D 83 -17.87 33.93 12.03
C ASN D 83 -17.42 33.41 10.64
N SER D 84 -18.27 33.58 9.61
CA SER D 84 -18.14 32.89 8.30
C SER D 84 -18.55 33.84 7.16
N VAL D 85 -17.93 33.68 5.99
CA VAL D 85 -18.44 34.15 4.68
C VAL D 85 -18.99 32.94 3.92
N PHE D 86 -20.16 33.09 3.30
CA PHE D 86 -20.82 32.03 2.49
C PHE D 86 -20.90 32.47 1.04
N LEU D 87 -20.53 31.59 0.13
CA LEU D 87 -20.72 31.78 -1.33
C LEU D 87 -21.77 30.79 -1.81
N VAL D 88 -22.90 31.28 -2.32
CA VAL D 88 -23.98 30.43 -2.93
C VAL D 88 -23.71 30.31 -4.42
N MET D 89 -23.59 29.08 -4.92
CA MET D 89 -23.00 28.77 -6.23
C MET D 89 -23.77 27.64 -6.89
N GLU D 90 -23.70 27.58 -8.21
CA GLU D 90 -24.17 26.46 -9.05
C GLU D 90 -23.83 25.13 -8.37
N TYR D 91 -24.81 24.25 -8.20
CA TYR D 91 -24.56 22.85 -7.79
C TYR D 91 -24.16 22.02 -9.00
N CYS D 92 -23.06 21.30 -8.87
CA CYS D 92 -22.52 20.39 -9.88
C CYS D 92 -22.61 18.96 -9.35
N ASN D 93 -23.66 18.24 -9.74
CA ASN D 93 -24.09 16.97 -9.11
C ASN D 93 -23.14 15.84 -9.48
N GLY D 94 -22.03 16.16 -10.15
CA GLY D 94 -21.12 15.17 -10.77
C GLY D 94 -19.81 15.05 -10.01
N GLY D 95 -19.58 15.93 -9.04
CA GLY D 95 -18.28 16.06 -8.37
C GLY D 95 -17.25 16.65 -9.30
N ASP D 96 -15.96 16.36 -9.06
CA ASP D 96 -14.85 16.89 -9.89
C ASP D 96 -14.37 15.79 -10.84
N LEU D 97 -13.56 16.18 -11.84
CA LEU D 97 -12.97 15.28 -12.86
C LEU D 97 -12.11 14.22 -12.16
N ALA D 98 -11.43 14.60 -11.08
CA ALA D 98 -10.55 13.72 -10.27
C ALA D 98 -11.33 12.46 -9.88
N ASP D 99 -12.52 12.62 -9.29
CA ASP D 99 -13.42 11.52 -8.86
C ASP D 99 -13.81 10.69 -10.09
N TYR D 100 -14.13 11.34 -11.19
CA TYR D 100 -14.67 10.71 -12.43
C TYR D 100 -13.60 9.84 -13.08
N LEU D 101 -12.34 10.31 -13.07
CA LEU D 101 -11.16 9.61 -13.63
C LEU D 101 -10.81 8.42 -12.72
N GLN D 102 -10.85 8.63 -11.39
CA GLN D 102 -10.58 7.60 -10.35
C GLN D 102 -11.55 6.44 -10.55
N ALA D 103 -12.75 6.72 -11.09
CA ALA D 103 -13.85 5.76 -11.30
C ALA D 103 -13.72 5.12 -12.68
N LYS D 104 -13.75 5.93 -13.75
CA LYS D 104 -13.87 5.49 -15.16
C LYS D 104 -12.51 5.01 -15.68
N GLY D 105 -11.41 5.55 -15.12
CA GLY D 105 -10.02 5.19 -15.49
C GLY D 105 -9.50 6.05 -16.63
N THR D 106 -9.64 5.56 -17.87
CA THR D 106 -9.29 6.28 -19.12
C THR D 106 -10.57 6.80 -19.79
N LEU D 107 -10.45 7.80 -20.64
CA LEU D 107 -11.54 8.34 -21.48
C LEU D 107 -11.19 8.16 -22.97
N SER D 108 -12.19 7.94 -23.82
CA SER D 108 -12.08 7.93 -25.30
C SER D 108 -11.69 9.32 -25.80
N GLU D 109 -11.07 9.39 -26.98
CA GLU D 109 -10.70 10.66 -27.66
C GLU D 109 -11.98 11.46 -27.97
N ASP D 110 -13.08 10.75 -28.29
CA ASP D 110 -14.41 11.33 -28.56
C ASP D 110 -14.88 12.06 -27.28
N THR D 111 -14.79 11.37 -26.14
CA THR D 111 -15.16 11.90 -24.79
C THR D 111 -14.28 13.11 -24.47
N ILE D 112 -12.96 12.98 -24.61
CA ILE D 112 -11.97 14.04 -24.24
C ILE D 112 -12.22 15.29 -25.08
N ARG D 113 -12.67 15.12 -26.34
CA ARG D 113 -12.99 16.25 -27.27
C ARG D 113 -14.23 17.01 -26.76
N VAL D 114 -15.29 16.27 -26.39
CA VAL D 114 -16.57 16.82 -25.85
C VAL D 114 -16.27 17.67 -24.60
N PHE D 115 -15.37 17.18 -23.74
CA PHE D 115 -14.96 17.83 -22.47
C PHE D 115 -14.12 19.08 -22.77
N LEU D 116 -13.15 18.92 -23.67
CA LEU D 116 -12.15 19.96 -24.01
C LEU D 116 -12.84 21.13 -24.74
N HIS D 117 -13.81 20.82 -25.60
CA HIS D 117 -14.71 21.82 -26.25
C HIS D 117 -15.24 22.78 -25.18
N GLN D 118 -15.73 22.24 -24.06
CA GLN D 118 -16.39 23.00 -22.98
C GLN D 118 -15.32 23.77 -22.19
N ILE D 119 -14.17 23.15 -21.93
CA ILE D 119 -13.06 23.79 -21.17
C ILE D 119 -12.48 24.93 -22.02
N ALA D 120 -12.35 24.71 -23.33
CA ALA D 120 -11.93 25.71 -24.32
C ALA D 120 -12.89 26.89 -24.31
N ALA D 121 -14.20 26.61 -24.31
CA ALA D 121 -15.28 27.61 -24.26
C ALA D 121 -15.02 28.57 -23.10
N ALA D 122 -14.70 28.03 -21.93
CA ALA D 122 -14.43 28.78 -20.69
C ALA D 122 -13.11 29.55 -20.83
N MET D 123 -12.11 28.92 -21.40
CA MET D 123 -10.75 29.50 -21.60
C MET D 123 -10.85 30.75 -22.48
N ARG D 124 -11.70 30.72 -23.51
CA ARG D 124 -12.04 31.91 -24.35
C ARG D 124 -12.31 33.09 -23.43
N ILE D 125 -13.21 32.90 -22.47
CA ILE D 125 -13.80 34.00 -21.65
C ILE D 125 -12.70 34.55 -20.74
N LEU D 126 -11.89 33.67 -20.15
CA LEU D 126 -10.74 34.07 -19.28
C LEU D 126 -9.73 34.88 -20.11
N HIS D 127 -9.33 34.35 -21.27
CA HIS D 127 -8.34 34.97 -22.17
C HIS D 127 -8.82 36.36 -22.59
N SER D 128 -10.10 36.49 -22.89
CA SER D 128 -10.70 37.71 -23.50
C SER D 128 -10.95 38.77 -22.40
N LYS D 129 -10.96 38.37 -21.12
CA LYS D 129 -11.01 39.29 -19.94
C LYS D 129 -9.60 39.44 -19.34
N GLY D 130 -8.60 38.77 -19.92
CA GLY D 130 -7.19 38.80 -19.47
C GLY D 130 -7.02 38.22 -18.08
N ILE D 131 -7.79 37.17 -17.76
CA ILE D 131 -7.67 36.38 -16.51
C ILE D 131 -6.87 35.11 -16.79
N ILE D 132 -5.86 34.83 -15.98
CA ILE D 132 -5.15 33.52 -15.92
C ILE D 132 -5.61 32.78 -14.67
N HIS D 133 -6.13 31.56 -14.83
CA HIS D 133 -6.60 30.68 -13.73
C HIS D 133 -5.39 30.24 -12.88
N ARG D 134 -4.45 29.50 -13.49
CA ARG D 134 -3.08 29.24 -12.96
C ARG D 134 -3.05 27.98 -12.09
N ASP D 135 -4.23 27.49 -11.70
CA ASP D 135 -4.37 26.32 -10.81
C ASP D 135 -5.45 25.41 -11.38
N LEU D 136 -5.65 25.43 -12.69
CA LEU D 136 -6.43 24.41 -13.42
C LEU D 136 -5.89 23.02 -13.07
N LYS D 137 -6.80 22.09 -12.79
CA LYS D 137 -6.49 20.68 -12.47
C LYS D 137 -7.80 19.92 -12.34
N PRO D 138 -7.79 18.58 -12.26
CA PRO D 138 -9.03 17.81 -12.25
C PRO D 138 -9.92 18.09 -11.02
N GLN D 139 -9.31 18.57 -9.91
CA GLN D 139 -10.01 18.94 -8.65
C GLN D 139 -10.87 20.20 -8.86
N ASN D 140 -10.57 20.98 -9.89
CA ASN D 140 -11.12 22.34 -10.14
C ASN D 140 -12.16 22.28 -11.26
N ILE D 141 -12.23 21.15 -11.94
CA ILE D 141 -13.08 20.95 -13.14
C ILE D 141 -14.28 20.10 -12.72
N LEU D 142 -15.43 20.73 -12.52
CA LEU D 142 -16.64 20.10 -11.91
C LEU D 142 -17.53 19.55 -13.02
N LEU D 143 -18.40 18.62 -12.69
CA LEU D 143 -19.29 17.90 -13.66
C LEU D 143 -20.74 18.09 -13.25
N SER D 144 -21.64 18.28 -14.22
CA SER D 144 -23.10 18.45 -14.02
C SER D 144 -23.87 17.61 -15.04
N TYR D 145 -24.59 16.58 -14.57
CA TYR D 145 -25.44 15.68 -15.38
C TYR D 145 -26.82 16.31 -15.59
N ALA D 146 -27.32 16.28 -16.82
CA ALA D 146 -28.77 16.30 -17.16
C ALA D 146 -29.37 14.93 -16.83
N VAL D 153 -21.89 10.53 -22.92
CA VAL D 153 -23.12 11.29 -22.51
C VAL D 153 -22.87 12.79 -22.74
N SER D 154 -23.43 13.33 -23.83
CA SER D 154 -23.38 14.78 -24.22
C SER D 154 -24.09 15.63 -23.16
N GLY D 155 -24.93 15.01 -22.33
CA GLY D 155 -25.59 15.64 -21.17
C GLY D 155 -24.73 15.58 -19.90
N ILE D 156 -23.40 15.51 -20.05
CA ILE D 156 -22.41 15.91 -19.00
C ILE D 156 -21.86 17.30 -19.35
N ARG D 157 -22.15 18.29 -18.51
CA ARG D 157 -21.70 19.69 -18.70
C ARG D 157 -20.55 19.98 -17.73
N ILE D 158 -19.53 20.67 -18.19
CA ILE D 158 -18.27 20.96 -17.44
C ILE D 158 -18.30 22.40 -16.96
N LYS D 159 -17.92 22.65 -15.72
CA LYS D 159 -17.78 24.00 -15.14
C LYS D 159 -16.41 24.14 -14.49
N ILE D 160 -15.63 25.13 -14.89
CA ILE D 160 -14.37 25.51 -14.21
C ILE D 160 -14.72 26.18 -12.89
N ALA D 161 -13.96 25.90 -11.84
CA ALA D 161 -14.13 26.48 -10.50
C ALA D 161 -12.78 26.92 -9.94
N ASP D 162 -12.79 27.52 -8.76
CA ASP D 162 -11.61 27.78 -7.90
C ASP D 162 -10.72 28.81 -8.57
N PHE D 163 -11.03 30.09 -8.38
CA PHE D 163 -10.22 31.22 -8.88
C PHE D 163 -9.36 31.77 -7.74
N GLY D 164 -9.08 30.93 -6.76
CA GLY D 164 -8.16 31.22 -5.64
C GLY D 164 -6.86 31.80 -6.15
N PHE D 165 -6.27 31.19 -7.19
CA PHE D 165 -4.87 31.47 -7.65
C PHE D 165 -4.91 32.33 -8.93
N ALA D 166 -6.12 32.59 -9.45
CA ALA D 166 -6.36 33.41 -10.65
C ALA D 166 -5.73 34.79 -10.48
N ARG D 167 -5.34 35.43 -11.57
CA ARG D 167 -4.83 36.82 -11.57
C ARG D 167 -5.15 37.49 -12.91
N TYR D 168 -5.38 38.79 -12.88
CA TYR D 168 -5.59 39.66 -14.04
C TYR D 168 -4.24 40.00 -14.66
N LEU D 169 -4.15 39.98 -16.00
CA LEU D 169 -2.97 40.43 -16.78
C LEU D 169 -2.89 41.97 -16.80
N PRO D 182 7.27 54.74 -14.58
CA PRO D 182 7.53 53.65 -13.63
C PRO D 182 9.02 53.45 -13.34
N MET D 183 9.76 54.55 -13.20
CA MET D 183 11.25 54.57 -13.05
C MET D 183 11.66 53.75 -11.83
N TYR D 184 10.86 53.80 -10.77
CA TYR D 184 11.20 53.30 -9.41
C TYR D 184 10.96 51.78 -9.36
N MET D 185 10.22 51.25 -10.32
CA MET D 185 9.81 49.84 -10.37
C MET D 185 11.00 48.98 -10.79
N ALA D 186 11.25 47.88 -10.08
CA ALA D 186 12.36 46.93 -10.32
C ALA D 186 12.26 46.38 -11.73
N PRO D 187 13.41 46.26 -12.46
CA PRO D 187 13.40 45.78 -13.84
C PRO D 187 12.78 44.39 -14.02
N GLU D 188 13.04 43.47 -13.08
CA GLU D 188 12.53 42.07 -13.16
C GLU D 188 11.00 42.07 -13.15
N VAL D 189 10.38 43.06 -12.46
CA VAL D 189 8.91 43.24 -12.35
C VAL D 189 8.38 43.80 -13.68
N ILE D 190 9.04 44.84 -14.19
CA ILE D 190 8.69 45.50 -15.48
C ILE D 190 8.62 44.44 -16.57
N MET D 191 9.62 43.56 -16.63
CA MET D 191 9.91 42.71 -17.80
C MET D 191 9.06 41.43 -17.73
N SER D 192 8.74 40.97 -16.52
CA SER D 192 8.05 39.66 -16.24
C SER D 192 6.53 39.82 -16.35
N GLN D 193 6.05 41.04 -16.64
CA GLN D 193 4.67 41.31 -17.14
C GLN D 193 4.32 40.26 -18.22
N HIS D 194 3.18 39.55 -18.06
CA HIS D 194 2.58 38.64 -19.07
C HIS D 194 3.34 37.28 -19.12
N TYR D 195 4.29 37.06 -18.22
CA TYR D 195 5.23 35.89 -18.24
C TYR D 195 4.44 34.56 -18.11
N ASP D 196 3.31 34.59 -17.40
CA ASP D 196 2.48 33.37 -17.11
C ASP D 196 1.17 33.42 -17.93
N ALA D 197 1.15 34.26 -18.97
CA ALA D 197 -0.04 34.50 -19.82
C ALA D 197 -0.55 33.18 -20.42
N LYS D 198 0.29 32.13 -20.45
CA LYS D 198 0.03 30.87 -21.18
C LYS D 198 0.01 29.68 -20.21
N ALA D 199 0.04 29.96 -18.90
CA ALA D 199 0.13 28.94 -17.82
C ALA D 199 -1.04 27.94 -17.93
N ASP D 200 -2.22 28.42 -18.31
CA ASP D 200 -3.47 27.62 -18.38
C ASP D 200 -3.32 26.55 -19.47
N LEU D 201 -2.65 26.88 -20.57
CA LEU D 201 -2.53 25.99 -21.75
C LEU D 201 -1.72 24.74 -21.37
N TRP D 202 -0.66 24.91 -20.57
CA TRP D 202 0.09 23.79 -19.95
C TRP D 202 -0.86 22.91 -19.12
N SER D 203 -1.52 23.51 -18.11
CA SER D 203 -2.42 22.83 -17.16
C SER D 203 -3.42 21.98 -17.95
N ILE D 204 -4.12 22.57 -18.91
CA ILE D 204 -5.13 21.88 -19.76
C ILE D 204 -4.45 20.69 -20.41
N GLY D 205 -3.15 20.82 -20.72
CA GLY D 205 -2.31 19.75 -21.29
C GLY D 205 -2.20 18.56 -20.35
N THR D 206 -1.64 18.79 -19.15
CA THR D 206 -1.48 17.76 -18.09
C THR D 206 -2.82 17.05 -17.86
N VAL D 207 -3.92 17.78 -17.88
CA VAL D 207 -5.27 17.26 -17.55
C VAL D 207 -5.71 16.30 -18.67
N ILE D 208 -5.70 16.78 -19.92
CA ILE D 208 -6.03 15.95 -21.12
C ILE D 208 -5.16 14.68 -21.08
N TYR D 209 -3.86 14.85 -20.88
CA TYR D 209 -2.89 13.75 -20.78
C TYR D 209 -3.40 12.70 -19.80
N GLN D 210 -3.69 13.12 -18.56
CA GLN D 210 -4.11 12.20 -17.46
C GLN D 210 -5.40 11.49 -17.88
N CYS D 211 -6.32 12.22 -18.50
CA CYS D 211 -7.61 11.69 -19.01
C CYS D 211 -7.35 10.51 -19.94
N LEU D 212 -6.28 10.61 -20.74
CA LEU D 212 -5.98 9.71 -21.89
C LEU D 212 -5.10 8.55 -21.42
N VAL D 213 -3.99 8.86 -20.73
CA VAL D 213 -2.93 7.90 -20.31
C VAL D 213 -3.32 7.26 -18.97
N GLY D 214 -3.91 8.05 -18.06
CA GLY D 214 -4.40 7.59 -16.75
C GLY D 214 -3.52 8.05 -15.61
N LYS D 215 -2.53 8.89 -15.91
CA LYS D 215 -1.68 9.54 -14.89
C LYS D 215 -1.12 10.84 -15.46
N PRO D 216 -0.64 11.78 -14.61
CA PRO D 216 -0.05 13.02 -15.10
C PRO D 216 1.19 12.75 -15.95
N PRO D 217 1.57 13.69 -16.82
CA PRO D 217 2.71 13.49 -17.71
C PRO D 217 4.06 13.51 -16.96
N PHE D 218 4.13 14.30 -15.89
CA PHE D 218 5.34 14.52 -15.08
C PHE D 218 4.98 14.45 -13.59
N GLN D 219 5.70 13.62 -12.83
CA GLN D 219 5.48 13.39 -11.39
C GLN D 219 6.80 13.53 -10.66
N ALA D 220 6.77 14.26 -9.54
CA ALA D 220 7.80 14.27 -8.50
C ALA D 220 7.22 13.63 -7.23
N ASN D 221 7.96 13.67 -6.13
CA ASN D 221 7.52 13.20 -4.80
C ASN D 221 7.06 14.41 -3.97
N SER D 222 7.22 15.63 -4.50
CA SER D 222 6.90 16.91 -3.81
C SER D 222 6.90 18.07 -4.82
N PRO D 223 6.46 19.28 -4.40
CA PRO D 223 6.62 20.49 -5.23
C PRO D 223 8.07 20.82 -5.60
N GLN D 224 9.00 20.63 -4.66
CA GLN D 224 10.42 21.10 -4.75
C GLN D 224 11.20 20.21 -5.73
N ASP D 225 10.99 18.89 -5.67
CA ASP D 225 11.50 17.91 -6.66
C ASP D 225 11.14 18.41 -8.06
N LEU D 226 9.87 18.74 -8.28
CA LEU D 226 9.30 19.16 -9.60
C LEU D 226 9.84 20.56 -9.97
N ARG D 227 10.00 21.45 -8.99
CA ARG D 227 10.66 22.78 -9.17
C ARG D 227 12.02 22.56 -9.85
N MET D 228 12.83 21.68 -9.28
CA MET D 228 14.23 21.42 -9.70
C MET D 228 14.24 20.60 -11.00
N PHE D 229 13.21 19.78 -11.24
CA PHE D 229 13.02 18.94 -12.46
C PHE D 229 12.82 19.85 -13.69
N TYR D 230 11.78 20.69 -13.64
CA TYR D 230 11.47 21.70 -14.69
C TYR D 230 12.65 22.65 -14.84
N GLU D 231 13.33 22.95 -13.73
CA GLU D 231 14.45 23.92 -13.66
C GLU D 231 15.62 23.42 -14.51
N LYS D 232 16.08 22.19 -14.25
CA LYS D 232 17.23 21.54 -14.93
C LYS D 232 16.75 20.87 -16.22
N ASN D 233 15.83 19.90 -16.10
CA ASN D 233 15.31 19.09 -17.23
C ASN D 233 14.38 19.95 -18.08
N ARG D 234 14.92 20.64 -19.08
CA ARG D 234 14.22 21.68 -19.89
C ARG D 234 13.97 21.14 -21.30
N SER D 235 12.86 21.54 -21.91
CA SER D 235 12.41 21.13 -23.27
C SER D 235 12.47 19.61 -23.40
N LEU D 236 11.94 18.88 -22.39
CA LEU D 236 11.79 17.39 -22.38
C LEU D 236 10.30 17.05 -22.34
N MET D 237 9.88 16.10 -23.20
CA MET D 237 8.47 15.90 -23.61
C MET D 237 8.02 14.48 -23.23
N PRO D 238 6.70 14.21 -23.14
CA PRO D 238 6.21 13.05 -22.42
C PRO D 238 5.78 11.87 -23.30
N SER D 239 5.61 10.70 -22.68
CA SER D 239 5.25 9.42 -23.35
C SER D 239 3.85 9.53 -23.96
N ILE D 240 3.75 9.85 -25.25
CA ILE D 240 2.46 9.79 -26.04
C ILE D 240 2.32 8.39 -26.63
N PRO D 241 1.37 7.55 -26.13
CA PRO D 241 1.15 6.23 -26.70
C PRO D 241 0.96 6.25 -28.22
N ARG D 242 1.42 5.20 -28.93
CA ARG D 242 1.36 5.07 -30.41
C ARG D 242 -0.10 5.03 -30.87
N GLU D 243 -1.01 4.58 -30.00
CA GLU D 243 -2.49 4.45 -30.27
C GLU D 243 -3.12 5.84 -30.46
N THR D 244 -2.60 6.85 -29.76
CA THR D 244 -3.06 8.27 -29.83
C THR D 244 -3.27 8.68 -31.30
N SER D 245 -4.36 9.37 -31.60
CA SER D 245 -4.62 10.01 -32.93
C SER D 245 -3.66 11.16 -33.14
N PRO D 246 -3.31 11.49 -34.41
CA PRO D 246 -2.27 12.48 -34.70
C PRO D 246 -2.64 13.86 -34.12
N TYR D 247 -3.86 14.31 -34.40
CA TYR D 247 -4.42 15.61 -33.92
C TYR D 247 -4.20 15.74 -32.41
N LEU D 248 -4.63 14.72 -31.64
CA LEU D 248 -4.59 14.73 -30.16
C LEU D 248 -3.12 14.77 -29.67
N ALA D 249 -2.25 14.03 -30.36
CA ALA D 249 -0.79 13.99 -30.08
C ALA D 249 -0.17 15.36 -30.36
N ASN D 250 -0.56 15.98 -31.49
CA ASN D 250 -0.15 17.36 -31.90
C ASN D 250 -0.52 18.32 -30.78
N LEU D 251 -1.80 18.37 -30.41
CA LEU D 251 -2.37 19.24 -29.36
C LEU D 251 -1.52 19.11 -28.10
N LEU D 252 -1.31 17.87 -27.63
CA LEU D 252 -0.70 17.56 -26.31
C LEU D 252 0.75 18.06 -26.29
N LEU D 253 1.49 17.78 -27.35
CA LEU D 253 2.93 18.11 -27.44
C LEU D 253 3.10 19.62 -27.67
N GLY D 254 2.10 20.28 -28.27
CA GLY D 254 2.04 21.75 -28.42
C GLY D 254 1.72 22.44 -27.11
N LEU D 255 0.90 21.80 -26.27
CA LEU D 255 0.48 22.33 -24.94
C LEU D 255 1.61 22.08 -23.92
N LEU D 256 2.27 20.92 -24.00
CA LEU D 256 3.24 20.45 -22.97
C LEU D 256 4.65 20.89 -23.37
N GLN D 257 4.87 22.21 -23.42
CA GLN D 257 6.15 22.87 -23.79
C GLN D 257 6.70 23.64 -22.60
N ARG D 258 7.77 23.13 -21.98
CA ARG D 258 8.38 23.66 -20.72
C ARG D 258 8.52 25.19 -20.80
N ASN D 259 8.85 25.72 -21.99
CA ASN D 259 9.07 27.17 -22.24
C ASN D 259 7.86 27.76 -22.96
N GLN D 260 7.29 28.85 -22.43
CA GLN D 260 5.99 29.45 -22.87
C GLN D 260 6.16 30.07 -24.26
N LYS D 261 7.32 30.67 -24.52
CA LYS D 261 7.78 31.11 -25.87
C LYS D 261 7.41 30.04 -26.91
N ASP D 262 7.75 28.77 -26.64
CA ASP D 262 7.61 27.63 -27.59
C ASP D 262 6.17 27.09 -27.57
N ARG D 263 5.45 27.31 -26.48
CA ARG D 263 4.14 26.66 -26.19
C ARG D 263 3.06 27.23 -27.10
N MET D 264 2.24 26.36 -27.68
CA MET D 264 1.01 26.72 -28.45
C MET D 264 0.40 27.99 -27.87
N ASP D 265 0.06 28.96 -28.72
CA ASP D 265 -0.69 30.19 -28.35
C ASP D 265 -2.19 29.85 -28.34
N PHE D 266 -3.02 30.74 -27.82
CA PHE D 266 -4.45 30.50 -27.49
C PHE D 266 -5.23 30.20 -28.77
N GLU D 267 -5.13 31.08 -29.77
CA GLU D 267 -5.94 31.02 -31.02
C GLU D 267 -5.65 29.70 -31.73
N ALA D 268 -4.40 29.22 -31.68
CA ALA D 268 -3.96 27.90 -32.21
C ALA D 268 -4.72 26.79 -31.48
N PHE D 269 -4.82 26.91 -30.16
CA PHE D 269 -5.53 25.96 -29.27
C PHE D 269 -7.04 26.00 -29.57
N PHE D 270 -7.64 27.21 -29.52
CA PHE D 270 -9.10 27.44 -29.63
C PHE D 270 -9.62 26.82 -30.94
N SER D 271 -8.79 26.80 -31.98
CA SER D 271 -9.19 26.43 -33.37
C SER D 271 -8.42 25.19 -33.84
N HIS D 272 -7.76 24.49 -32.91
CA HIS D 272 -6.96 23.27 -33.18
C HIS D 272 -7.84 22.22 -33.87
N PRO D 273 -7.30 21.49 -34.88
CA PRO D 273 -8.09 20.54 -35.66
C PRO D 273 -8.87 19.52 -34.81
N PHE D 274 -8.33 19.11 -33.67
CA PHE D 274 -9.04 18.35 -32.62
C PHE D 274 -10.09 19.27 -31.97
#